data_1QE0
#
_entry.id   1QE0
#
_cell.length_a   125.650
_cell.length_b   125.650
_cell.length_c   115.990
_cell.angle_alpha   90.00
_cell.angle_beta   90.00
_cell.angle_gamma   120.00
#
_symmetry.space_group_name_H-M   'P 65'
#
loop_
_entity.id
_entity.type
_entity.pdbx_description
1 polymer 'Histidine--tRNA ligase'
2 water water
#
_entity_poly.entity_id   1
_entity_poly.type   'polypeptide(L)'
_entity_poly.pdbx_seq_one_letter_code
;MIKIPRGTQDILPEDSKKWRYIENQLDELMTFYNYKEIRTPIFESTDLFARGVGDSTDVVQKEMYTFKDKGDRSITLRPE
GTAAVVRSYIEHKMQGNPNQPIKLYYNGPMFRYERKQKGRYRQFNQFGVEAIGAENPSVDAEVLAMVMHIYQSFGLKHLK
LVINSVGDMASRKEYNEALVKHFEPVIHEFCSDCQSRLHTDPMRILDCKVDRDKEAIKTAPRITDFLNEESKAYYEQVKA
YLDDLGIPYTEDPNLVRGLDYYTHTAFELMMDNPNYDGAITTLCGGGRYNGLLELLDGPSETGIGFALSIERLLLALEEE
GIELDIEENLDLFIVTMGDQADRYAVKLLNHLRHNGIKADKDYLQRKIKGQMKQADRLGAKFTIVIGDQELENNKIDVKN
MTTGESETIELDALVEYFKK
;
_entity_poly.pdbx_strand_id   A,B
#
# COMPACT_ATOMS: atom_id res chain seq x y z
N MET A 1 14.09 -24.51 15.09
CA MET A 1 13.19 -23.70 14.22
C MET A 1 13.96 -22.53 13.70
N ILE A 2 13.46 -21.96 12.62
CA ILE A 2 14.08 -20.83 11.97
C ILE A 2 13.42 -19.54 12.47
N LYS A 3 14.24 -18.56 12.83
CA LYS A 3 13.79 -17.26 13.33
C LYS A 3 13.90 -16.13 12.29
N ILE A 4 13.02 -15.12 12.37
CA ILE A 4 13.12 -14.01 11.41
C ILE A 4 14.51 -13.39 11.54
N PRO A 5 14.95 -12.60 10.54
CA PRO A 5 16.27 -11.96 10.63
C PRO A 5 16.27 -10.87 11.76
N ARG A 6 17.44 -10.55 12.30
CA ARG A 6 17.49 -9.58 13.38
C ARG A 6 17.07 -8.18 12.93
N GLY A 7 16.35 -7.48 13.81
CA GLY A 7 15.88 -6.13 13.52
C GLY A 7 14.78 -6.16 12.50
N THR A 8 14.12 -7.30 12.38
CA THR A 8 13.06 -7.49 11.40
C THR A 8 11.84 -8.04 12.19
N GLN A 9 10.63 -7.64 11.79
CA GLN A 9 9.38 -8.08 12.43
C GLN A 9 8.31 -8.42 11.37
N ASP A 10 7.37 -9.29 11.75
CA ASP A 10 6.24 -9.66 10.87
C ASP A 10 5.05 -8.83 11.29
N ILE A 11 4.24 -8.44 10.34
CA ILE A 11 3.04 -7.69 10.68
C ILE A 11 2.00 -8.80 10.67
N LEU A 12 1.59 -9.22 11.86
CA LEU A 12 0.63 -10.30 11.98
C LEU A 12 -0.83 -9.84 11.88
N PRO A 13 -1.80 -10.75 11.70
CA PRO A 13 -3.23 -10.41 11.59
C PRO A 13 -3.87 -9.32 12.45
N GLU A 14 -3.31 -9.04 13.63
CA GLU A 14 -3.87 -8.01 14.52
C GLU A 14 -3.51 -6.61 14.09
N ASP A 15 -2.34 -6.49 13.48
CA ASP A 15 -1.82 -5.22 13.00
C ASP A 15 -2.04 -4.97 11.53
N SER A 16 -1.99 -6.03 10.71
CA SER A 16 -2.17 -5.86 9.27
C SER A 16 -3.38 -5.03 8.95
N LYS A 17 -4.47 -5.23 9.69
CA LYS A 17 -5.68 -4.44 9.47
C LYS A 17 -5.49 -2.92 9.73
N LYS A 18 -4.61 -2.58 10.68
CA LYS A 18 -4.30 -1.20 11.08
C LYS A 18 -3.48 -0.58 9.98
N TRP A 19 -2.56 -1.37 9.42
CA TRP A 19 -1.73 -0.92 8.30
C TRP A 19 -2.61 -0.66 7.08
N ARG A 20 -3.48 -1.61 6.75
CA ARG A 20 -4.37 -1.44 5.60
C ARG A 20 -5.29 -0.26 5.74
N TYR A 21 -5.73 0.00 6.96
CA TYR A 21 -6.59 1.15 7.19
C TYR A 21 -5.84 2.47 6.85
N ILE A 22 -4.65 2.58 7.41
CA ILE A 22 -3.78 3.72 7.19
C ILE A 22 -3.41 3.82 5.70
N GLU A 23 -2.88 2.75 5.14
CA GLU A 23 -2.52 2.73 3.74
C GLU A 23 -3.67 3.15 2.84
N ASN A 24 -4.87 2.64 3.10
CA ASN A 24 -6.01 3.00 2.28
C ASN A 24 -6.41 4.45 2.42
N GLN A 25 -6.33 4.95 3.64
CA GLN A 25 -6.66 6.35 3.89
C GLN A 25 -5.70 7.32 3.17
N LEU A 26 -4.42 6.94 3.08
CA LEU A 26 -3.41 7.77 2.41
C LEU A 26 -3.63 7.75 0.89
N ASP A 27 -4.03 6.61 0.35
CA ASP A 27 -4.29 6.53 -1.07
C ASP A 27 -5.45 7.47 -1.43
N GLU A 28 -6.42 7.58 -0.53
CA GLU A 28 -7.58 8.46 -0.75
C GLU A 28 -7.19 9.90 -0.69
N LEU A 29 -6.49 10.28 0.37
CA LEU A 29 -6.03 11.65 0.52
C LEU A 29 -5.23 12.06 -0.74
N MET A 30 -4.38 11.17 -1.26
CA MET A 30 -3.58 11.50 -2.45
C MET A 30 -4.47 11.77 -3.65
N THR A 31 -5.63 11.16 -3.63
CA THR A 31 -6.61 11.32 -4.68
C THR A 31 -7.12 12.77 -4.73
N PHE A 32 -7.34 13.35 -3.56
CA PHE A 32 -7.82 14.72 -3.43
C PHE A 32 -6.75 15.69 -3.86
N TYR A 33 -5.50 15.35 -3.58
CA TYR A 33 -4.36 16.21 -3.92
C TYR A 33 -3.86 15.94 -5.31
N ASN A 34 -4.28 14.80 -5.86
CA ASN A 34 -3.92 14.44 -7.21
C ASN A 34 -2.48 13.93 -7.41
N TYR A 35 -1.95 13.23 -6.40
CA TYR A 35 -0.62 12.64 -6.49
C TYR A 35 -0.88 11.21 -6.92
N LYS A 36 -0.04 10.70 -7.83
CA LYS A 36 -0.18 9.34 -8.36
C LYS A 36 0.88 8.38 -7.80
N GLU A 37 0.49 7.12 -7.56
CA GLU A 37 1.39 6.14 -6.97
C GLU A 37 2.37 5.49 -7.91
N ILE A 38 3.61 5.35 -7.48
CA ILE A 38 4.62 4.72 -8.29
C ILE A 38 5.23 3.67 -7.36
N ARG A 39 5.62 2.53 -7.92
CA ARG A 39 6.20 1.45 -7.15
C ARG A 39 7.47 1.05 -7.84
N THR A 40 8.57 1.34 -7.18
CA THR A 40 9.92 1.10 -7.64
C THR A 40 10.34 -0.28 -7.13
N PRO A 41 11.34 -0.92 -7.74
CA PRO A 41 11.80 -2.24 -7.29
C PRO A 41 12.39 -2.16 -5.87
N ILE A 42 12.46 -3.30 -5.19
CA ILE A 42 13.01 -3.31 -3.84
C ILE A 42 14.50 -2.96 -3.87
N PHE A 43 15.16 -3.26 -4.97
CA PHE A 43 16.57 -2.93 -5.07
C PHE A 43 16.82 -2.13 -6.32
N GLU A 44 17.90 -1.38 -6.26
CA GLU A 44 18.32 -0.53 -7.35
C GLU A 44 19.81 -0.77 -7.54
N SER A 45 20.36 -0.22 -8.61
CA SER A 45 21.78 -0.35 -8.86
C SER A 45 22.44 0.35 -7.70
N THR A 46 23.42 -0.29 -7.10
CA THR A 46 24.12 0.30 -5.98
C THR A 46 24.53 1.71 -6.35
N ASP A 47 24.89 1.90 -7.61
CA ASP A 47 25.32 3.20 -8.10
C ASP A 47 24.31 4.35 -8.00
N LEU A 48 23.07 4.06 -7.61
CA LEU A 48 22.07 5.12 -7.47
C LEU A 48 22.22 5.71 -6.08
N PHE A 49 22.39 4.81 -5.13
CA PHE A 49 22.53 5.19 -3.73
C PHE A 49 23.98 5.54 -3.39
N ALA A 50 24.87 5.29 -4.34
CA ALA A 50 26.29 5.59 -4.19
C ALA A 50 26.46 7.13 -4.16
N ARG A 51 25.62 7.82 -4.92
CA ARG A 51 25.67 9.27 -5.10
C ARG A 51 25.78 10.11 -3.82
N GLU A 63 24.44 1.54 7.30
CA GLU A 63 24.89 0.70 6.13
C GLU A 63 23.71 0.21 5.27
N MET A 64 24.02 -0.12 4.01
CA MET A 64 23.02 -0.59 3.05
C MET A 64 23.25 -2.06 2.65
N TYR A 65 22.22 -2.75 2.22
CA TYR A 65 22.37 -4.14 1.84
C TYR A 65 22.78 -4.18 0.40
N THR A 66 24.07 -4.27 0.18
CA THR A 66 24.58 -4.35 -1.17
C THR A 66 25.06 -5.77 -1.40
N PHE A 67 24.87 -6.26 -2.62
CA PHE A 67 25.34 -7.58 -2.99
C PHE A 67 25.53 -7.68 -4.52
N LYS A 68 26.74 -8.08 -4.91
CA LYS A 68 27.14 -8.21 -6.31
C LYS A 68 26.41 -9.36 -6.95
N ASP A 69 25.10 -9.28 -6.91
CA ASP A 69 24.30 -10.31 -7.51
C ASP A 69 23.87 -9.82 -8.87
N LYS A 70 22.73 -10.28 -9.36
CA LYS A 70 22.26 -9.84 -10.66
C LYS A 70 23.30 -10.10 -11.74
N GLY A 71 24.18 -11.07 -11.52
CA GLY A 71 25.25 -11.37 -12.47
C GLY A 71 26.49 -10.57 -12.08
N ASP A 72 26.87 -10.66 -10.80
CA ASP A 72 28.02 -9.96 -10.22
C ASP A 72 27.82 -8.45 -10.16
N ARG A 73 26.74 -7.98 -10.79
CA ARG A 73 26.39 -6.58 -10.82
C ARG A 73 26.08 -6.18 -9.39
N SER A 74 26.44 -4.97 -8.99
CA SER A 74 26.15 -4.60 -7.63
C SER A 74 24.76 -3.97 -7.55
N ILE A 75 23.92 -4.56 -6.72
CA ILE A 75 22.56 -4.05 -6.49
C ILE A 75 22.44 -3.69 -5.01
N THR A 76 21.40 -2.95 -4.66
CA THR A 76 21.24 -2.57 -3.29
C THR A 76 19.82 -2.40 -2.88
N LEU A 77 19.49 -2.96 -1.73
CA LEU A 77 18.16 -2.84 -1.21
C LEU A 77 18.06 -1.34 -0.90
N ARG A 78 17.08 -0.68 -1.51
CA ARG A 78 16.85 0.75 -1.33
C ARG A 78 16.69 1.16 0.15
N PRO A 79 17.41 2.20 0.56
CA PRO A 79 17.32 2.68 1.93
C PRO A 79 16.24 3.75 2.05
N GLU A 80 15.82 4.32 0.92
CA GLU A 80 14.80 5.38 0.87
C GLU A 80 14.24 5.52 -0.54
N GLY A 81 13.03 6.06 -0.67
CA GLY A 81 12.42 6.16 -1.98
C GLY A 81 12.62 7.36 -2.88
N THR A 82 13.39 8.36 -2.48
CA THR A 82 13.54 9.52 -3.34
C THR A 82 14.41 9.31 -4.58
N ALA A 83 15.58 8.72 -4.38
CA ALA A 83 16.50 8.46 -5.48
C ALA A 83 15.87 7.59 -6.52
N ALA A 84 15.07 6.61 -6.08
CA ALA A 84 14.39 5.72 -7.01
C ALA A 84 13.25 6.44 -7.73
N VAL A 85 12.53 7.33 -7.04
CA VAL A 85 11.50 8.07 -7.76
C VAL A 85 12.25 8.92 -8.80
N VAL A 86 13.39 9.48 -8.45
CA VAL A 86 14.17 10.29 -9.39
C VAL A 86 14.74 9.43 -10.52
N ARG A 87 15.23 8.25 -10.18
CA ARG A 87 15.79 7.35 -11.19
C ARG A 87 14.70 6.94 -12.18
N SER A 88 13.47 6.79 -11.71
CA SER A 88 12.36 6.43 -12.59
C SER A 88 11.93 7.63 -13.44
N TYR A 89 11.88 8.79 -12.80
CA TYR A 89 11.49 10.05 -13.43
C TYR A 89 12.45 10.30 -14.59
N ILE A 90 13.73 10.11 -14.35
CA ILE A 90 14.72 10.32 -15.41
C ILE A 90 14.58 9.26 -16.52
N GLU A 91 14.68 8.00 -16.13
CA GLU A 91 14.57 6.89 -17.07
C GLU A 91 13.32 6.95 -17.95
N HIS A 92 12.20 7.39 -17.42
CA HIS A 92 10.97 7.46 -18.20
C HIS A 92 10.77 8.82 -18.84
N LYS A 93 11.82 9.62 -18.81
CA LYS A 93 11.75 10.93 -19.42
C LYS A 93 10.45 11.69 -19.06
N MET A 94 10.21 11.83 -17.76
CA MET A 94 9.00 12.50 -17.26
C MET A 94 9.05 14.01 -17.42
N GLN A 95 10.27 14.53 -17.54
CA GLN A 95 10.46 15.97 -17.69
C GLN A 95 9.73 16.45 -18.92
N GLY A 96 9.53 15.56 -19.86
CA GLY A 96 8.86 15.96 -21.07
C GLY A 96 7.38 15.70 -21.02
N ASN A 97 6.89 15.30 -19.87
CA ASN A 97 5.48 15.04 -19.76
C ASN A 97 4.66 16.31 -19.92
N PRO A 98 3.56 16.23 -20.66
CA PRO A 98 2.73 17.40 -20.84
C PRO A 98 2.12 17.83 -19.52
N ASN A 99 1.87 16.87 -18.63
CA ASN A 99 1.29 17.13 -17.30
C ASN A 99 2.38 17.38 -16.25
N GLN A 100 2.47 18.61 -15.77
CA GLN A 100 3.45 18.98 -14.78
C GLN A 100 2.77 19.92 -13.76
N PRO A 101 3.29 19.98 -12.51
CA PRO A 101 4.45 19.24 -12.00
C PRO A 101 4.15 17.75 -11.85
N ILE A 102 5.18 16.93 -11.85
CA ILE A 102 4.99 15.51 -11.66
C ILE A 102 4.75 15.32 -10.15
N LYS A 103 3.51 15.02 -9.79
CA LYS A 103 3.10 14.82 -8.41
C LYS A 103 2.97 13.34 -8.16
N LEU A 104 3.99 12.72 -7.55
CA LEU A 104 4.02 11.27 -7.29
C LEU A 104 4.16 10.89 -5.81
N TYR A 105 3.63 9.73 -5.42
CA TYR A 105 3.76 9.25 -4.05
C TYR A 105 4.09 7.78 -4.03
N TYR A 106 4.64 7.32 -2.91
CA TYR A 106 4.99 5.92 -2.77
C TYR A 106 4.73 5.46 -1.36
N ASN A 107 4.86 4.18 -1.13
CA ASN A 107 4.62 3.60 0.20
C ASN A 107 5.12 2.15 0.15
N GLY A 108 6.20 1.83 0.85
CA GLY A 108 6.70 0.46 0.85
C GLY A 108 7.85 0.31 1.78
N PRO A 109 8.39 -0.89 1.94
CA PRO A 109 9.52 -1.12 2.84
C PRO A 109 10.84 -0.59 2.31
N MET A 110 11.63 -0.04 3.23
CA MET A 110 12.94 0.52 2.96
C MET A 110 13.92 -0.35 3.77
N PHE A 111 15.21 -0.35 3.44
CA PHE A 111 16.18 -1.18 4.15
C PHE A 111 17.48 -0.50 4.57
N ARG A 112 17.61 -0.14 5.83
CA ARG A 112 18.84 0.48 6.31
C ARG A 112 19.36 -0.50 7.33
N TYR A 113 20.58 -0.98 7.11
CA TYR A 113 21.21 -1.95 8.00
C TYR A 113 21.53 -1.45 9.42
N TYR A 121 14.20 -1.08 13.06
CA TYR A 121 14.13 -2.29 12.22
C TYR A 121 14.91 -2.10 10.96
N ARG A 122 15.67 -3.11 10.57
CA ARG A 122 16.43 -3.03 9.36
C ARG A 122 15.49 -2.84 8.18
N GLN A 123 14.26 -3.33 8.35
CA GLN A 123 13.21 -3.19 7.34
C GLN A 123 12.13 -2.29 7.92
N PHE A 124 11.93 -1.14 7.31
CA PHE A 124 10.91 -0.25 7.80
C PHE A 124 10.05 0.18 6.64
N ASN A 125 8.85 0.67 6.90
CA ASN A 125 7.96 1.09 5.82
C ASN A 125 7.72 2.57 5.72
N GLN A 126 8.40 3.23 4.80
CA GLN A 126 8.20 4.67 4.63
C GLN A 126 7.27 5.01 3.46
N PHE A 127 6.52 6.09 3.66
CA PHE A 127 5.55 6.61 2.70
C PHE A 127 6.10 7.99 2.36
N GLY A 128 5.91 8.46 1.12
CA GLY A 128 6.39 9.78 0.75
C GLY A 128 5.81 10.37 -0.53
N VAL A 129 5.93 11.68 -0.73
CA VAL A 129 5.45 12.32 -1.95
C VAL A 129 6.57 13.16 -2.53
N GLU A 130 6.51 13.41 -3.82
CA GLU A 130 7.50 14.21 -4.53
C GLU A 130 6.77 14.98 -5.59
N ALA A 131 6.91 16.29 -5.58
CA ALA A 131 6.31 17.11 -6.61
C ALA A 131 7.56 17.66 -7.34
N ILE A 132 7.76 17.29 -8.59
CA ILE A 132 8.94 17.79 -9.34
C ILE A 132 8.53 18.61 -10.59
N GLY A 133 9.26 19.69 -10.84
CA GLY A 133 8.98 20.52 -11.98
C GLY A 133 8.12 21.75 -11.80
N ALA A 134 8.15 22.39 -10.64
CA ALA A 134 7.34 23.60 -10.46
C ALA A 134 7.69 24.38 -9.21
N GLU A 135 8.84 25.05 -9.20
CA GLU A 135 9.22 25.82 -8.01
C GLU A 135 8.18 26.91 -7.83
N ASN A 136 7.43 26.86 -6.74
CA ASN A 136 6.38 27.83 -6.59
C ASN A 136 5.81 27.76 -5.18
N PRO A 137 5.80 28.88 -4.47
CA PRO A 137 5.27 28.95 -3.11
C PRO A 137 3.95 28.23 -2.96
N SER A 138 3.03 28.39 -3.91
CA SER A 138 1.75 27.74 -3.80
C SER A 138 1.89 26.23 -3.80
N VAL A 139 2.97 25.70 -4.38
CA VAL A 139 3.17 24.23 -4.40
C VAL A 139 3.60 23.78 -3.02
N ASP A 140 4.56 24.51 -2.47
CA ASP A 140 5.08 24.29 -1.14
C ASP A 140 3.91 24.27 -0.18
N ALA A 141 3.10 25.31 -0.22
CA ALA A 141 1.94 25.38 0.65
C ALA A 141 1.09 24.11 0.49
N GLU A 142 0.89 23.65 -0.75
CA GLU A 142 0.09 22.44 -0.98
C GLU A 142 0.67 21.22 -0.28
N VAL A 143 2.00 21.06 -0.30
CA VAL A 143 2.57 19.91 0.36
C VAL A 143 2.57 20.07 1.85
N LEU A 144 2.61 21.32 2.35
CA LEU A 144 2.60 21.54 3.82
C LEU A 144 1.22 21.38 4.39
N ALA A 145 0.22 21.85 3.66
CA ALA A 145 -1.15 21.71 4.07
C ALA A 145 -1.46 20.20 4.09
N MET A 146 -0.87 19.47 3.14
CA MET A 146 -1.07 18.01 3.01
C MET A 146 -0.45 17.25 4.20
N VAL A 147 0.84 17.51 4.49
CA VAL A 147 1.51 16.81 5.58
C VAL A 147 0.72 17.05 6.86
N MET A 148 0.01 18.17 6.93
CA MET A 148 -0.80 18.48 8.10
C MET A 148 -2.10 17.70 8.00
N HIS A 149 -2.66 17.68 6.80
CA HIS A 149 -3.90 16.98 6.56
C HIS A 149 -3.75 15.50 6.88
N ILE A 150 -2.69 14.86 6.38
CA ILE A 150 -2.49 13.42 6.61
C ILE A 150 -2.69 13.06 8.07
N TYR A 151 -1.85 13.64 8.94
CA TYR A 151 -1.88 13.37 10.36
C TYR A 151 -3.16 13.82 11.04
N GLN A 152 -3.71 14.95 10.64
CA GLN A 152 -4.95 15.37 11.27
C GLN A 152 -6.09 14.46 10.85
N SER A 153 -5.99 13.82 9.71
CA SER A 153 -7.08 12.99 9.27
C SER A 153 -7.25 11.78 10.19
N PHE A 154 -6.19 11.45 10.92
CA PHE A 154 -6.24 10.30 11.80
C PHE A 154 -6.64 10.67 13.20
N GLY A 155 -6.78 11.96 13.46
CA GLY A 155 -7.17 12.41 14.78
C GLY A 155 -6.05 12.84 15.70
N LEU A 156 -4.80 12.76 15.23
CA LEU A 156 -3.67 13.17 16.05
C LEU A 156 -3.91 14.61 16.38
N LYS A 157 -3.44 15.04 17.52
CA LYS A 157 -3.72 16.40 17.90
C LYS A 157 -2.64 17.27 18.48
N HIS A 158 -1.55 16.71 18.97
CA HIS A 158 -0.55 17.62 19.53
C HIS A 158 0.61 17.81 18.58
N LEU A 159 0.23 18.10 17.34
CA LEU A 159 1.14 18.32 16.21
C LEU A 159 1.74 19.71 16.28
N LYS A 160 2.87 19.88 15.62
CA LYS A 160 3.56 21.15 15.63
C LYS A 160 4.49 21.19 14.42
N LEU A 161 4.05 21.95 13.42
CA LEU A 161 4.76 22.12 12.15
C LEU A 161 5.87 23.16 12.32
N VAL A 162 7.07 22.78 11.94
CA VAL A 162 8.24 23.61 12.06
C VAL A 162 8.86 23.76 10.67
N ILE A 163 9.03 25.01 10.23
CA ILE A 163 9.60 25.32 8.91
C ILE A 163 10.79 26.27 8.99
N ASN A 164 11.51 26.38 7.89
CA ASN A 164 12.69 27.23 7.76
C ASN A 164 13.00 27.32 6.26
N SER A 165 13.91 28.21 5.91
CA SER A 165 14.29 28.35 4.53
C SER A 165 15.77 28.53 4.46
N VAL A 166 16.40 27.82 3.54
CA VAL A 166 17.83 27.92 3.36
C VAL A 166 18.12 28.67 2.06
N GLY A 167 17.16 29.50 1.65
CA GLY A 167 17.31 30.30 0.45
C GLY A 167 17.59 29.52 -0.81
N ASP A 168 17.89 30.22 -1.89
CA ASP A 168 18.19 29.62 -3.19
C ASP A 168 19.64 29.25 -3.33
N MET A 169 20.05 28.97 -4.57
CA MET A 169 21.43 28.60 -4.90
C MET A 169 22.38 29.80 -4.75
N ALA A 170 21.85 31.00 -4.98
CA ALA A 170 22.61 32.25 -4.87
C ALA A 170 22.99 32.49 -3.41
N SER A 171 21.97 32.66 -2.58
CA SER A 171 22.15 32.87 -1.16
C SER A 171 23.12 31.84 -0.62
N ARG A 172 22.94 30.59 -0.99
CA ARG A 172 23.83 29.58 -0.48
C ARG A 172 25.26 29.79 -0.96
N LYS A 173 25.43 30.26 -2.19
CA LYS A 173 26.77 30.51 -2.70
C LYS A 173 27.44 31.59 -1.87
N GLU A 174 26.75 32.71 -1.67
CA GLU A 174 27.30 33.81 -0.88
C GLU A 174 27.39 33.50 0.62
N TYR A 175 26.62 32.51 1.10
CA TYR A 175 26.68 32.13 2.51
C TYR A 175 27.82 31.19 2.71
N ASN A 176 28.11 30.40 1.69
CA ASN A 176 29.22 29.44 1.78
C ASN A 176 30.53 30.21 1.85
N GLU A 177 30.66 31.26 1.04
CA GLU A 177 31.86 32.09 1.04
C GLU A 177 32.11 32.66 2.44
N ALA A 178 31.05 33.07 3.12
CA ALA A 178 31.18 33.61 4.46
C ALA A 178 31.77 32.55 5.42
N LEU A 179 31.32 31.31 5.30
CA LEU A 179 31.83 30.20 6.13
C LEU A 179 33.32 29.95 5.85
N VAL A 180 33.75 30.22 4.63
CA VAL A 180 35.13 30.04 4.26
C VAL A 180 35.99 31.18 4.78
N LYS A 181 35.44 32.40 4.72
CA LYS A 181 36.12 33.59 5.25
C LYS A 181 36.37 33.28 6.74
N HIS A 182 35.30 32.77 7.34
CA HIS A 182 35.26 32.39 8.75
C HIS A 182 36.21 31.26 9.08
N PHE A 183 35.82 30.02 8.76
CA PHE A 183 36.59 28.84 9.09
C PHE A 183 38.00 28.76 8.59
N GLU A 184 38.23 29.18 7.36
CA GLU A 184 39.57 29.06 6.77
C GLU A 184 40.73 29.51 7.64
N PRO A 185 40.62 30.67 8.30
CA PRO A 185 41.74 31.11 9.14
C PRO A 185 42.07 30.19 10.33
N VAL A 186 41.30 29.12 10.49
CA VAL A 186 41.52 28.15 11.55
C VAL A 186 41.24 26.76 11.00
N ILE A 187 41.41 26.65 9.68
CA ILE A 187 41.15 25.42 8.95
C ILE A 187 41.98 24.22 9.40
N HIS A 188 43.23 24.46 9.81
CA HIS A 188 44.12 23.38 10.25
C HIS A 188 43.77 22.81 11.62
N GLU A 189 42.88 23.51 12.32
CA GLU A 189 42.43 23.08 13.64
C GLU A 189 41.39 21.99 13.46
N PHE A 190 40.98 21.79 12.20
CA PHE A 190 39.97 20.80 11.80
C PHE A 190 40.55 19.53 11.15
N CYS A 191 39.91 18.41 11.42
CA CYS A 191 40.31 17.11 10.87
C CYS A 191 40.38 17.21 9.34
N SER A 192 41.16 16.33 8.70
CA SER A 192 41.23 16.38 7.24
C SER A 192 39.79 16.25 6.70
N ASP A 193 38.92 15.59 7.47
CA ASP A 193 37.52 15.48 7.07
C ASP A 193 37.04 16.92 6.86
N CYS A 194 36.75 17.60 7.96
CA CYS A 194 36.25 18.96 7.93
C CYS A 194 37.11 19.88 7.07
N GLN A 195 38.42 19.62 7.04
CA GLN A 195 39.31 20.43 6.25
C GLN A 195 38.97 20.35 4.76
N SER A 196 38.79 19.12 4.27
CA SER A 196 38.45 18.93 2.85
C SER A 196 37.21 19.73 2.52
N ARG A 197 36.21 19.62 3.40
CA ARG A 197 34.91 20.27 3.25
C ARG A 197 34.83 21.79 3.18
N LEU A 198 35.90 22.51 3.51
CA LEU A 198 35.80 23.97 3.44
C LEU A 198 35.52 24.36 2.00
N HIS A 199 36.30 23.75 1.13
CA HIS A 199 36.22 24.05 -0.29
C HIS A 199 35.11 23.48 -1.13
N THR A 200 34.40 22.47 -0.67
CA THR A 200 33.33 21.93 -1.47
C THR A 200 32.00 22.42 -0.93
N ASP A 201 31.88 22.51 0.37
CA ASP A 201 30.66 23.00 1.01
C ASP A 201 30.91 23.13 2.50
N PRO A 202 31.33 24.30 2.95
CA PRO A 202 31.63 24.64 4.34
C PRO A 202 30.52 24.26 5.31
N MET A 203 29.26 24.37 4.86
CA MET A 203 28.11 24.06 5.71
C MET A 203 28.18 22.72 6.37
N ARG A 204 28.85 21.77 5.72
CA ARG A 204 29.02 20.41 6.23
C ARG A 204 30.00 20.43 7.38
N ILE A 205 30.74 21.52 7.47
CA ILE A 205 31.73 21.69 8.52
C ILE A 205 31.04 21.97 9.86
N LEU A 206 29.93 22.70 9.80
CA LEU A 206 29.17 23.03 11.02
C LEU A 206 28.86 21.82 11.90
N THR A 219 27.91 30.72 16.47
CA THR A 219 29.38 30.57 16.55
C THR A 219 29.95 31.13 15.25
N ALA A 220 29.58 30.49 14.14
CA ALA A 220 29.98 30.85 12.77
C ALA A 220 28.68 31.31 12.11
N PRO A 221 28.75 31.96 10.92
CA PRO A 221 27.54 32.44 10.25
C PRO A 221 26.40 31.44 10.13
N ARG A 222 25.17 31.95 10.08
CA ARG A 222 23.98 31.14 9.95
C ARG A 222 23.44 31.34 8.53
N ILE A 223 22.99 30.25 7.92
CA ILE A 223 22.49 30.26 6.54
C ILE A 223 21.35 31.22 6.36
N THR A 224 20.42 31.21 7.31
CA THR A 224 19.24 32.05 7.24
C THR A 224 19.49 33.55 7.29
N ASP A 225 20.73 33.96 7.36
CA ASP A 225 21.03 35.37 7.39
C ASP A 225 21.57 35.75 6.02
N PHE A 226 21.49 34.80 5.09
CA PHE A 226 21.96 34.98 3.73
C PHE A 226 20.88 34.85 2.67
N LEU A 227 19.63 34.87 3.08
CA LEU A 227 18.58 34.75 2.10
C LEU A 227 18.68 36.05 1.30
N ASN A 228 18.55 35.96 -0.02
CA ASN A 228 18.62 37.17 -0.82
C ASN A 228 17.28 37.88 -0.72
N GLU A 229 16.89 38.61 -1.74
CA GLU A 229 15.61 39.31 -1.68
C GLU A 229 14.47 38.44 -2.20
N GLU A 230 14.76 37.67 -3.25
CA GLU A 230 13.80 36.76 -3.88
C GLU A 230 13.49 35.59 -2.95
N SER A 231 14.55 34.98 -2.42
CA SER A 231 14.44 33.86 -1.51
C SER A 231 13.63 34.25 -0.27
N LYS A 232 13.85 35.47 0.19
CA LYS A 232 13.16 36.01 1.37
C LYS A 232 11.70 36.30 1.10
N ALA A 233 11.31 36.32 -0.18
CA ALA A 233 9.93 36.58 -0.56
C ALA A 233 9.23 35.29 -0.87
N TYR A 234 9.99 34.28 -1.30
CA TYR A 234 9.40 32.96 -1.56
C TYR A 234 8.94 32.49 -0.19
N TYR A 235 9.87 32.50 0.77
CA TYR A 235 9.61 32.08 2.13
C TYR A 235 8.48 32.88 2.72
N GLU A 236 8.45 34.18 2.47
CA GLU A 236 7.36 34.98 3.03
C GLU A 236 6.04 34.60 2.38
N GLN A 237 6.07 34.15 1.12
CA GLN A 237 4.85 33.74 0.45
C GLN A 237 4.38 32.41 1.00
N VAL A 238 5.31 31.46 1.19
CA VAL A 238 4.97 30.16 1.78
C VAL A 238 4.24 30.41 3.10
N LYS A 239 4.84 31.19 4.00
CA LYS A 239 4.18 31.47 5.28
C LYS A 239 2.90 32.27 5.10
N ALA A 240 2.85 33.11 4.07
CA ALA A 240 1.66 33.88 3.81
C ALA A 240 0.55 32.88 3.63
N TYR A 241 0.81 31.94 2.73
CA TYR A 241 -0.14 30.88 2.40
C TYR A 241 -0.56 30.09 3.63
N LEU A 242 0.41 29.73 4.46
CA LEU A 242 0.13 29.00 5.68
C LEU A 242 -0.82 29.84 6.51
N ASP A 243 -0.59 31.14 6.58
CA ASP A 243 -1.47 31.99 7.34
C ASP A 243 -2.84 31.97 6.70
N ASP A 244 -2.89 32.07 5.38
CA ASP A 244 -4.15 32.05 4.61
C ASP A 244 -4.97 30.82 4.99
N LEU A 245 -4.36 29.65 4.76
CA LEU A 245 -5.00 28.37 5.03
C LEU A 245 -5.20 28.14 6.53
N GLY A 246 -4.65 29.02 7.35
CA GLY A 246 -4.81 28.88 8.79
C GLY A 246 -4.03 27.73 9.37
N ILE A 247 -2.83 27.52 8.87
CA ILE A 247 -1.97 26.45 9.34
C ILE A 247 -0.94 27.10 10.25
N PRO A 248 -0.86 26.64 11.50
CA PRO A 248 0.10 27.21 12.43
C PRO A 248 1.46 26.59 12.18
N TYR A 249 2.52 27.36 12.41
CA TYR A 249 3.88 26.90 12.19
C TYR A 249 4.88 27.61 13.09
N THR A 250 6.01 26.97 13.29
CA THR A 250 7.07 27.50 14.10
C THR A 250 8.28 27.62 13.18
N GLU A 251 8.89 28.79 13.15
CA GLU A 251 10.07 28.98 12.34
C GLU A 251 11.32 28.61 13.13
N ASP A 252 12.00 27.55 12.76
CA ASP A 252 13.17 27.21 13.51
C ASP A 252 14.35 27.48 12.66
N PRO A 253 14.93 28.68 12.78
CA PRO A 253 16.10 29.12 12.01
C PRO A 253 17.16 28.05 11.89
N ASN A 254 17.28 27.20 12.91
CA ASN A 254 18.28 26.14 12.96
C ASN A 254 17.88 24.84 12.28
N LEU A 255 16.72 24.84 11.65
CA LEU A 255 16.22 23.66 10.97
C LEU A 255 16.70 23.85 9.56
N VAL A 256 17.91 23.38 9.31
CA VAL A 256 18.50 23.51 7.99
C VAL A 256 19.01 22.16 7.56
N ARG A 257 19.46 22.09 6.31
CA ARG A 257 20.02 20.87 5.73
C ARG A 257 21.28 21.23 4.95
N GLY A 258 22.35 20.50 5.24
CA GLY A 258 23.63 20.73 4.62
C GLY A 258 23.74 20.41 3.14
N LEU A 259 23.05 19.37 2.68
CA LEU A 259 23.09 18.97 1.28
C LEU A 259 22.79 20.13 0.36
N ASP A 260 23.81 20.57 -0.37
CA ASP A 260 23.65 21.74 -1.23
C ASP A 260 22.56 21.73 -2.28
N TYR A 261 21.89 20.61 -2.43
CA TYR A 261 20.82 20.60 -3.39
C TYR A 261 19.51 20.81 -2.72
N TYR A 262 19.57 21.20 -1.46
CA TYR A 262 18.37 21.46 -0.66
C TYR A 262 18.07 22.95 -0.67
N THR A 263 17.00 23.36 -1.30
CA THR A 263 16.71 24.77 -1.36
C THR A 263 15.44 25.10 -0.59
N HIS A 264 15.17 26.39 -0.51
CA HIS A 264 14.01 26.97 0.14
C HIS A 264 13.38 26.28 1.34
N THR A 265 12.07 25.99 1.24
CA THR A 265 11.36 25.38 2.34
C THR A 265 11.86 24.08 2.91
N ALA A 266 11.98 24.06 4.23
CA ALA A 266 12.43 22.89 4.96
C ALA A 266 11.43 22.85 6.09
N PHE A 267 10.97 21.64 6.43
CA PHE A 267 10.00 21.51 7.50
C PHE A 267 10.10 20.17 8.19
N GLU A 268 9.41 20.09 9.33
CA GLU A 268 9.37 18.91 10.15
C GLU A 268 8.07 19.03 10.89
N LEU A 269 7.29 17.95 10.93
CA LEU A 269 6.01 17.94 11.64
C LEU A 269 6.36 17.25 12.92
N MET A 270 5.94 17.81 14.04
CA MET A 270 6.26 17.14 15.28
C MET A 270 5.11 16.96 16.25
N MET A 271 5.28 15.90 17.03
CA MET A 271 4.33 15.44 18.01
C MET A 271 4.90 15.67 19.37
N ASP A 272 4.10 16.39 20.16
CA ASP A 272 4.45 16.68 21.52
C ASP A 272 3.77 15.54 22.28
N ASN A 273 4.55 14.60 22.79
CA ASN A 273 3.99 13.52 23.56
C ASN A 273 4.94 13.02 24.63
N PRO A 274 4.62 13.29 25.91
CA PRO A 274 5.34 12.94 27.14
C PRO A 274 5.83 11.50 27.28
N ASN A 275 5.14 10.55 26.65
CA ASN A 275 5.57 9.17 26.73
C ASN A 275 6.61 8.85 25.67
N TYR A 276 7.35 9.89 25.25
CA TYR A 276 8.38 9.79 24.24
C TYR A 276 9.78 10.02 24.78
N ASP A 277 10.79 9.45 24.11
CA ASP A 277 12.17 9.64 24.54
C ASP A 277 12.45 11.14 24.36
N GLY A 278 12.34 11.88 25.45
CA GLY A 278 12.56 13.31 25.38
C GLY A 278 11.26 14.04 25.13
N ALA A 279 10.15 13.32 25.24
CA ALA A 279 8.82 13.89 25.05
C ALA A 279 8.43 14.33 23.64
N ILE A 280 9.40 14.56 22.76
CA ILE A 280 9.03 15.02 21.43
C ILE A 280 9.53 14.05 20.40
N THR A 281 8.77 13.98 19.29
CA THR A 281 9.12 13.11 18.17
C THR A 281 8.78 13.80 16.87
N THR A 282 9.60 13.52 15.88
CA THR A 282 9.41 14.06 14.57
C THR A 282 8.60 12.99 13.88
N LEU A 283 7.40 13.35 13.44
CA LEU A 283 6.53 12.42 12.76
C LEU A 283 6.90 12.32 11.25
N CYS A 284 7.14 13.49 10.64
CA CYS A 284 7.44 13.61 9.23
C CYS A 284 8.42 14.74 8.96
N GLY A 285 9.03 14.71 7.78
CA GLY A 285 10.00 15.75 7.41
C GLY A 285 10.27 15.84 5.90
N GLY A 286 10.74 17.00 5.44
CA GLY A 286 11.01 17.17 4.02
C GLY A 286 11.35 18.60 3.62
N GLY A 287 11.26 18.89 2.32
CA GLY A 287 11.58 20.24 1.80
C GLY A 287 11.90 20.27 0.31
N ARG A 288 12.21 21.46 -0.24
CA ARG A 288 12.54 21.60 -1.68
C ARG A 288 13.99 21.24 -1.97
N TYR A 289 14.29 21.06 -3.24
CA TYR A 289 15.64 20.74 -3.64
C TYR A 289 15.92 21.21 -5.07
N ASN A 290 17.14 21.65 -5.34
CA ASN A 290 17.52 21.97 -6.70
C ASN A 290 18.97 21.53 -6.88
N GLY A 291 19.13 20.39 -7.53
CA GLY A 291 20.45 19.83 -7.74
C GLY A 291 20.43 18.32 -7.58
N LEU A 292 19.36 17.78 -6.98
CA LEU A 292 19.22 16.35 -6.75
C LEU A 292 19.18 15.60 -8.07
N LEU A 293 18.27 16.01 -8.96
CA LEU A 293 18.11 15.37 -10.26
C LEU A 293 19.39 15.25 -11.09
N GLU A 294 20.23 16.26 -11.03
CA GLU A 294 21.48 16.32 -11.77
C GLU A 294 22.54 15.37 -11.23
N LEU A 295 22.51 15.12 -9.93
CA LEU A 295 23.43 14.18 -9.35
C LEU A 295 23.01 12.79 -9.85
N LEU A 296 21.73 12.61 -10.15
CA LEU A 296 21.28 11.33 -10.68
C LEU A 296 21.31 11.27 -12.23
N ASP A 297 22.05 12.19 -12.86
CA ASP A 297 22.15 12.32 -14.32
C ASP A 297 20.85 12.77 -14.97
N GLY A 298 20.20 13.79 -14.41
CA GLY A 298 18.95 14.25 -14.99
C GLY A 298 18.89 15.76 -15.12
N PRO A 299 17.75 16.32 -15.57
CA PRO A 299 17.43 17.74 -15.80
C PRO A 299 17.66 18.58 -14.57
N SER A 300 17.54 19.90 -14.70
CA SER A 300 17.72 20.74 -13.52
C SER A 300 16.40 21.03 -12.84
N GLU A 301 15.45 20.10 -12.95
CA GLU A 301 14.16 20.28 -12.32
C GLU A 301 14.27 20.60 -10.83
N THR A 302 13.31 21.41 -10.38
CA THR A 302 13.17 21.80 -8.98
C THR A 302 12.17 20.79 -8.41
N GLY A 303 12.11 20.69 -7.09
CA GLY A 303 11.17 19.75 -6.50
C GLY A 303 11.09 19.82 -4.99
N ILE A 304 10.01 19.29 -4.44
CA ILE A 304 9.77 19.26 -3.01
C ILE A 304 9.13 17.94 -2.69
N GLY A 305 9.42 17.43 -1.51
CA GLY A 305 8.83 16.18 -1.10
C GLY A 305 9.03 16.01 0.39
N PHE A 306 8.54 14.90 0.91
CA PHE A 306 8.68 14.58 2.31
C PHE A 306 8.58 13.08 2.39
N ALA A 307 8.84 12.51 3.57
CA ALA A 307 8.76 11.07 3.80
C ALA A 307 8.22 10.96 5.19
N LEU A 308 7.63 9.81 5.47
CA LEU A 308 6.97 9.61 6.73
C LEU A 308 6.98 8.12 6.95
N SER A 309 7.03 7.70 8.21
CA SER A 309 7.07 6.28 8.57
C SER A 309 5.71 5.85 9.06
N ILE A 310 5.21 4.74 8.51
CA ILE A 310 3.91 4.22 8.93
C ILE A 310 4.02 3.67 10.35
N GLU A 311 5.18 3.11 10.65
CA GLU A 311 5.36 2.59 11.99
C GLU A 311 5.19 3.68 13.02
N ARG A 312 5.88 4.80 12.82
CA ARG A 312 5.80 5.92 13.73
C ARG A 312 4.37 6.47 13.81
N LEU A 313 3.70 6.62 12.68
CA LEU A 313 2.32 7.13 12.66
C LEU A 313 1.48 6.25 13.55
N LEU A 314 1.63 4.93 13.37
CA LEU A 314 0.94 3.92 14.16
C LEU A 314 1.19 4.16 15.66
N LEU A 315 2.46 4.32 16.04
CA LEU A 315 2.84 4.56 17.44
C LEU A 315 2.28 5.88 18.00
N ALA A 316 2.17 6.89 17.13
CA ALA A 316 1.64 8.19 17.51
C ALA A 316 0.21 8.00 17.93
N LEU A 317 -0.55 7.24 17.13
CA LEU A 317 -1.95 7.00 17.46
C LEU A 317 -2.02 6.31 18.81
N GLU A 318 -1.11 5.38 19.04
CA GLU A 318 -1.03 4.62 20.29
C GLU A 318 -0.86 5.60 21.46
N GLU A 319 0.25 6.33 21.46
CA GLU A 319 0.55 7.29 22.53
C GLU A 319 -0.54 8.30 22.77
N GLU A 320 -1.24 8.71 21.71
CA GLU A 320 -2.32 9.68 21.85
C GLU A 320 -3.59 8.96 22.27
N GLY A 321 -3.50 7.64 22.35
CA GLY A 321 -4.65 6.86 22.75
C GLY A 321 -5.74 6.93 21.71
N ILE A 322 -5.38 6.61 20.47
CA ILE A 322 -6.36 6.65 19.40
C ILE A 322 -6.62 5.26 18.81
N GLU A 323 -7.90 5.04 18.50
CA GLU A 323 -8.37 3.79 17.93
C GLU A 323 -8.92 4.07 16.52
N LEU A 324 -8.66 3.14 15.61
CA LEU A 324 -9.08 3.28 14.22
C LEU A 324 -10.37 2.51 14.02
N ASP A 325 -11.24 2.99 13.14
CA ASP A 325 -12.53 2.32 12.86
C ASP A 325 -12.37 0.97 12.15
N ILE A 326 -11.56 0.07 12.71
CA ILE A 326 -11.30 -1.22 12.09
C ILE A 326 -12.34 -2.24 12.56
N GLU A 327 -13.46 -2.37 11.84
CA GLU A 327 -14.52 -3.29 12.26
C GLU A 327 -14.19 -4.76 12.46
N GLU A 328 -13.11 -5.23 11.82
CA GLU A 328 -12.64 -6.63 11.88
C GLU A 328 -13.54 -7.65 12.64
N ASN A 329 -14.72 -7.91 12.08
CA ASN A 329 -15.70 -8.80 12.70
C ASN A 329 -16.40 -9.64 11.65
N LEU A 330 -16.64 -10.90 11.94
CA LEU A 330 -17.34 -11.78 11.01
C LEU A 330 -18.82 -11.44 11.15
N ASP A 331 -19.55 -11.35 10.05
CA ASP A 331 -20.98 -11.08 10.11
C ASP A 331 -21.84 -12.24 10.59
N LEU A 332 -21.51 -13.47 10.20
CA LEU A 332 -22.33 -14.60 10.55
C LEU A 332 -21.52 -15.85 10.72
N PHE A 333 -21.65 -16.52 11.86
CA PHE A 333 -20.95 -17.78 12.04
C PHE A 333 -22.01 -18.89 12.03
N ILE A 334 -21.80 -19.90 11.16
CA ILE A 334 -22.72 -21.01 11.00
C ILE A 334 -22.34 -22.23 11.83
N VAL A 335 -23.23 -22.56 12.79
CA VAL A 335 -23.12 -23.70 13.70
C VAL A 335 -24.02 -24.75 13.12
N THR A 336 -23.47 -25.94 12.81
CA THR A 336 -24.23 -27.04 12.21
C THR A 336 -24.29 -28.33 13.03
N MET A 337 -25.39 -29.06 12.90
CA MET A 337 -25.57 -30.31 13.64
C MET A 337 -25.66 -31.48 12.69
N GLY A 338 -24.63 -32.31 12.68
CA GLY A 338 -24.66 -33.45 11.80
C GLY A 338 -24.41 -33.16 10.31
N ASP A 339 -24.03 -34.20 9.56
CA ASP A 339 -23.68 -34.12 8.14
C ASP A 339 -24.59 -33.40 7.19
N GLN A 340 -25.89 -33.73 7.23
CA GLN A 340 -26.87 -33.09 6.35
C GLN A 340 -26.81 -31.59 6.47
N ALA A 341 -26.98 -31.11 7.70
CA ALA A 341 -26.97 -29.69 8.00
C ALA A 341 -25.61 -29.12 7.66
N ASP A 342 -24.55 -29.85 7.98
CA ASP A 342 -23.22 -29.36 7.67
C ASP A 342 -22.90 -29.19 6.19
N ARG A 343 -23.37 -30.13 5.37
CA ARG A 343 -23.12 -30.05 3.95
C ARG A 343 -23.93 -28.95 3.34
N TYR A 344 -24.96 -28.51 4.05
CA TYR A 344 -25.81 -27.43 3.59
C TYR A 344 -25.13 -26.10 3.90
N ALA A 345 -24.42 -26.07 5.02
CA ALA A 345 -23.70 -24.90 5.45
C ALA A 345 -22.67 -24.55 4.42
N VAL A 346 -22.17 -25.56 3.69
CA VAL A 346 -21.15 -25.35 2.63
C VAL A 346 -21.68 -24.54 1.47
N LYS A 347 -22.82 -24.92 0.92
CA LYS A 347 -23.43 -24.17 -0.16
C LYS A 347 -23.78 -22.78 0.39
N LEU A 348 -24.40 -22.74 1.57
CA LEU A 348 -24.78 -21.49 2.22
C LEU A 348 -23.65 -20.46 2.31
N LEU A 349 -22.50 -20.91 2.80
CA LEU A 349 -21.30 -20.11 2.96
C LEU A 349 -20.88 -19.53 1.63
N ASN A 350 -20.81 -20.40 0.63
CA ASN A 350 -20.43 -20.00 -0.71
C ASN A 350 -21.41 -18.93 -1.14
N HIS A 351 -22.66 -19.07 -0.72
CA HIS A 351 -23.71 -18.12 -1.08
C HIS A 351 -23.50 -16.75 -0.47
N LEU A 352 -23.38 -16.75 0.83
CA LEU A 352 -23.19 -15.55 1.57
C LEU A 352 -21.94 -14.85 1.08
N ARG A 353 -20.82 -15.55 0.96
CA ARG A 353 -19.55 -14.95 0.52
C ARG A 353 -19.64 -14.31 -0.85
N HIS A 354 -20.48 -14.88 -1.70
CA HIS A 354 -20.69 -14.34 -3.04
C HIS A 354 -21.59 -13.13 -3.00
N ASN A 355 -21.93 -12.69 -1.80
CA ASN A 355 -22.79 -11.54 -1.63
C ASN A 355 -22.28 -10.50 -0.65
N GLY A 356 -20.97 -10.47 -0.43
CA GLY A 356 -20.40 -9.48 0.46
C GLY A 356 -20.69 -9.62 1.93
N ILE A 357 -21.15 -10.80 2.34
CA ILE A 357 -21.41 -11.08 3.75
C ILE A 357 -20.17 -11.80 4.27
N LYS A 358 -19.66 -11.43 5.44
CA LYS A 358 -18.50 -12.13 5.97
C LYS A 358 -19.03 -13.26 6.80
N ALA A 359 -18.81 -14.50 6.38
CA ALA A 359 -19.34 -15.64 7.10
C ALA A 359 -18.28 -16.69 7.28
N ASP A 360 -18.53 -17.63 8.19
CA ASP A 360 -17.60 -18.72 8.40
C ASP A 360 -18.31 -19.77 9.16
N LYS A 361 -17.90 -21.01 8.97
CA LYS A 361 -18.54 -22.12 9.64
C LYS A 361 -17.49 -22.85 10.45
N ASP A 362 -17.83 -24.03 10.95
CA ASP A 362 -16.90 -24.80 11.75
C ASP A 362 -16.28 -26.03 11.10
N TYR A 363 -14.99 -25.92 10.80
CA TYR A 363 -14.25 -27.04 10.26
C TYR A 363 -13.84 -27.68 11.59
N LEU A 364 -12.88 -28.59 11.69
CA LEU A 364 -12.59 -29.11 13.05
C LEU A 364 -13.71 -29.89 13.84
N GLN A 365 -14.93 -29.95 13.30
CA GLN A 365 -16.05 -30.67 13.92
C GLN A 365 -16.09 -30.66 15.44
N ARG A 366 -16.65 -29.60 16.04
CA ARG A 366 -16.75 -29.55 17.50
C ARG A 366 -18.15 -29.45 18.04
N LYS A 367 -18.28 -29.53 19.35
CA LYS A 367 -19.59 -29.45 20.05
C LYS A 367 -20.10 -28.03 19.96
N ILE A 368 -21.42 -27.83 20.09
CA ILE A 368 -22.01 -26.49 20.04
C ILE A 368 -21.24 -25.50 20.93
N LYS A 369 -20.92 -25.86 22.16
CA LYS A 369 -20.22 -24.90 23.01
C LYS A 369 -18.98 -24.42 22.29
N GLY A 370 -18.31 -25.35 21.62
CA GLY A 370 -17.06 -25.08 20.89
C GLY A 370 -17.26 -24.28 19.63
N GLN A 371 -18.37 -24.53 18.96
CA GLN A 371 -18.67 -23.77 17.78
C GLN A 371 -19.06 -22.37 18.21
N MET A 372 -19.93 -22.26 19.21
CA MET A 372 -20.38 -20.98 19.75
C MET A 372 -19.19 -20.17 20.26
N LYS A 373 -18.22 -20.82 20.87
CA LYS A 373 -17.04 -20.09 21.33
C LYS A 373 -16.27 -19.53 20.12
N GLN A 374 -16.13 -20.33 19.07
CA GLN A 374 -15.41 -19.93 17.87
C GLN A 374 -16.11 -18.74 17.28
N ALA A 375 -17.44 -18.82 17.24
CA ALA A 375 -18.22 -17.72 16.74
C ALA A 375 -17.78 -16.47 17.49
N ASP A 376 -17.72 -16.58 18.82
CA ASP A 376 -17.36 -15.50 19.70
C ASP A 376 -15.93 -15.04 19.50
N ARG A 377 -15.05 -16.01 19.26
CA ARG A 377 -13.64 -15.74 19.05
C ARG A 377 -13.45 -14.93 17.75
N LEU A 378 -14.14 -15.32 16.69
CA LEU A 378 -14.08 -14.64 15.41
C LEU A 378 -14.82 -13.31 15.39
N GLY A 379 -15.54 -12.98 16.46
CA GLY A 379 -16.30 -11.74 16.47
C GLY A 379 -17.62 -11.78 15.68
N ALA A 380 -18.13 -12.98 15.42
CA ALA A 380 -19.40 -13.16 14.71
C ALA A 380 -20.50 -12.31 15.31
N LYS A 381 -20.93 -11.28 14.59
CA LYS A 381 -21.99 -10.42 15.09
C LYS A 381 -23.21 -11.24 15.34
N PHE A 382 -23.49 -12.19 14.45
CA PHE A 382 -24.64 -13.06 14.57
C PHE A 382 -24.23 -14.50 14.47
N THR A 383 -25.17 -15.39 14.79
CA THR A 383 -24.93 -16.82 14.76
C THR A 383 -26.20 -17.53 14.35
N ILE A 384 -26.04 -18.74 13.83
CA ILE A 384 -27.16 -19.60 13.47
C ILE A 384 -26.71 -21.05 13.69
N VAL A 385 -27.64 -21.90 14.13
CA VAL A 385 -27.37 -23.33 14.39
C VAL A 385 -28.28 -24.08 13.46
N ILE A 386 -27.73 -24.64 12.38
CA ILE A 386 -28.51 -25.38 11.39
C ILE A 386 -28.46 -26.85 11.77
N GLY A 387 -29.62 -27.43 11.93
CA GLY A 387 -29.75 -28.83 12.27
C GLY A 387 -30.83 -29.36 11.36
N ASP A 388 -31.15 -30.64 11.45
CA ASP A 388 -32.15 -31.18 10.55
C ASP A 388 -33.57 -30.64 10.77
N GLN A 389 -33.92 -30.24 11.98
CA GLN A 389 -35.26 -29.72 12.17
C GLN A 389 -35.41 -28.40 11.45
N GLU A 390 -34.36 -27.59 11.49
CA GLU A 390 -34.34 -26.28 10.81
C GLU A 390 -34.29 -26.49 9.30
N LEU A 391 -33.69 -27.59 8.89
CA LEU A 391 -33.54 -27.92 7.49
C LEU A 391 -34.86 -28.23 6.84
N GLU A 392 -35.81 -28.72 7.62
CA GLU A 392 -37.10 -29.03 7.05
C GLU A 392 -38.11 -27.91 7.19
N ASN A 393 -38.30 -27.41 8.41
CA ASN A 393 -39.22 -26.30 8.64
C ASN A 393 -38.83 -25.09 7.77
N ASN A 394 -37.60 -25.08 7.25
CA ASN A 394 -37.07 -23.96 6.46
C ASN A 394 -37.20 -22.68 7.29
N LYS A 395 -36.61 -22.68 8.47
CA LYS A 395 -36.68 -21.51 9.33
C LYS A 395 -35.66 -21.67 10.44
N ILE A 396 -34.88 -20.63 10.67
CA ILE A 396 -33.87 -20.61 11.74
C ILE A 396 -34.00 -19.35 12.57
N ASP A 397 -33.42 -19.41 13.75
CA ASP A 397 -33.40 -18.28 14.64
C ASP A 397 -32.02 -17.68 14.49
N VAL A 398 -31.98 -16.44 14.07
CA VAL A 398 -30.74 -15.71 13.90
C VAL A 398 -30.48 -14.91 15.20
N LYS A 399 -29.58 -15.42 16.05
CA LYS A 399 -29.29 -14.78 17.32
C LYS A 399 -28.24 -13.69 17.23
N ASN A 400 -28.62 -12.47 17.63
CA ASN A 400 -27.72 -11.33 17.68
C ASN A 400 -26.80 -11.67 18.84
N MET A 401 -25.52 -11.84 18.57
CA MET A 401 -24.60 -12.23 19.63
C MET A 401 -24.33 -11.22 20.74
N THR A 402 -24.73 -9.97 20.56
CA THR A 402 -24.48 -9.00 21.61
C THR A 402 -25.71 -8.87 22.49
N THR A 403 -26.85 -8.59 21.86
CA THR A 403 -28.09 -8.46 22.61
C THR A 403 -28.55 -9.85 23.04
N GLY A 404 -28.12 -10.86 22.30
CA GLY A 404 -28.52 -12.22 22.62
C GLY A 404 -29.95 -12.44 22.21
N GLU A 405 -30.47 -11.51 21.42
CA GLU A 405 -31.86 -11.58 20.94
C GLU A 405 -31.91 -12.40 19.65
N SER A 406 -32.83 -13.35 19.55
CA SER A 406 -32.96 -14.16 18.33
C SER A 406 -34.03 -13.58 17.43
N GLU A 407 -33.96 -13.89 16.15
CA GLU A 407 -34.97 -13.46 15.18
C GLU A 407 -35.18 -14.66 14.32
N THR A 408 -36.44 -15.10 14.19
CA THR A 408 -36.76 -16.27 13.39
C THR A 408 -37.10 -15.87 11.96
N ILE A 409 -36.40 -16.46 10.98
CA ILE A 409 -36.67 -16.16 9.58
C ILE A 409 -36.62 -17.48 8.85
N GLU A 410 -37.08 -17.51 7.59
CA GLU A 410 -37.02 -18.75 6.80
C GLU A 410 -35.55 -18.94 6.31
N LEU A 411 -35.12 -20.18 6.14
CA LEU A 411 -33.75 -20.44 5.72
C LEU A 411 -33.41 -19.74 4.43
N ASP A 412 -34.33 -19.72 3.47
CA ASP A 412 -34.09 -19.01 2.23
C ASP A 412 -33.69 -17.56 2.43
N ALA A 413 -34.40 -16.87 3.31
CA ALA A 413 -34.09 -15.48 3.53
C ALA A 413 -32.65 -15.26 3.91
N LEU A 414 -31.98 -16.19 4.58
CA LEU A 414 -30.63 -15.93 5.04
C LEU A 414 -29.71 -15.00 4.20
N VAL A 415 -29.54 -15.25 2.93
CA VAL A 415 -28.66 -14.37 2.16
C VAL A 415 -29.28 -12.98 2.05
N GLU A 416 -30.57 -12.97 1.69
CA GLU A 416 -31.38 -11.77 1.52
C GLU A 416 -31.38 -10.88 2.74
N TYR A 417 -31.61 -11.53 3.87
CA TYR A 417 -31.73 -10.91 5.17
C TYR A 417 -30.43 -10.32 5.67
N PHE A 418 -29.33 -10.97 5.33
CA PHE A 418 -28.06 -10.46 5.75
C PHE A 418 -27.58 -9.44 4.75
N LYS A 419 -27.92 -9.66 3.49
CA LYS A 419 -27.53 -8.73 2.45
C LYS A 419 -28.10 -7.40 2.91
N LYS A 420 -29.41 -7.30 2.94
CA LYS A 420 -30.11 -6.08 3.40
C LYS A 420 -29.89 -5.85 4.90
N MET B 1 23.00 7.81 -17.51
CA MET B 1 21.90 7.65 -16.52
C MET B 1 22.08 6.31 -15.86
N ILE B 2 21.44 6.15 -14.72
CA ILE B 2 21.47 4.92 -13.97
C ILE B 2 20.22 4.18 -14.44
N LYS B 3 20.33 2.89 -14.67
CA LYS B 3 19.18 2.13 -15.13
C LYS B 3 18.66 1.12 -14.12
N ILE B 4 17.36 0.86 -14.22
CA ILE B 4 16.63 -0.09 -13.39
C ILE B 4 17.36 -1.42 -13.44
N PRO B 5 17.33 -2.21 -12.34
CA PRO B 5 18.06 -3.50 -12.40
C PRO B 5 17.43 -4.40 -13.46
N ARG B 6 18.22 -5.27 -14.10
CA ARG B 6 17.69 -6.13 -15.16
C ARG B 6 16.56 -7.02 -14.71
N GLY B 7 15.57 -7.18 -15.57
CA GLY B 7 14.43 -8.00 -15.23
C GLY B 7 13.59 -7.40 -14.12
N THR B 8 13.64 -6.09 -13.98
CA THR B 8 12.88 -5.39 -12.94
C THR B 8 12.10 -4.27 -13.64
N GLN B 9 10.89 -3.97 -13.15
CA GLN B 9 10.05 -2.89 -13.75
C GLN B 9 9.38 -2.02 -12.67
N ASP B 10 9.10 -0.76 -13.01
CA ASP B 10 8.45 0.16 -12.08
C ASP B 10 6.99 0.09 -12.41
N ILE B 11 6.14 0.30 -11.41
CA ILE B 11 4.71 0.31 -11.63
C ILE B 11 4.35 1.79 -11.55
N LEU B 12 4.31 2.44 -12.72
CA LEU B 12 4.04 3.87 -12.86
C LEU B 12 2.60 4.27 -12.64
N PRO B 13 2.35 5.57 -12.41
CA PRO B 13 1.01 6.09 -12.16
C PRO B 13 -0.19 5.56 -12.95
N GLU B 14 0.01 5.05 -14.16
CA GLU B 14 -1.10 4.52 -14.98
C GLU B 14 -1.54 3.11 -14.62
N ASP B 15 -0.64 2.39 -13.98
CA ASP B 15 -0.91 1.03 -13.59
C ASP B 15 -1.11 0.90 -12.10
N SER B 16 -0.40 1.72 -11.32
CA SER B 16 -0.53 1.62 -9.87
C SER B 16 -1.98 1.59 -9.45
N LYS B 17 -2.81 2.34 -10.15
CA LYS B 17 -4.25 2.38 -9.87
C LYS B 17 -4.93 1.00 -10.12
N LYS B 18 -4.48 0.29 -11.16
CA LYS B 18 -5.03 -1.02 -11.51
C LYS B 18 -4.60 -1.99 -10.41
N TRP B 19 -3.35 -1.85 -9.96
CA TRP B 19 -2.85 -2.71 -8.90
C TRP B 19 -3.66 -2.45 -7.65
N ARG B 20 -3.87 -1.20 -7.29
CA ARG B 20 -4.61 -0.91 -6.08
C ARG B 20 -6.05 -1.40 -6.14
N TYR B 21 -6.64 -1.38 -7.32
CA TYR B 21 -8.01 -1.86 -7.46
C TYR B 21 -8.10 -3.37 -7.14
N ILE B 22 -7.20 -4.11 -7.77
CA ILE B 22 -7.09 -5.56 -7.58
C ILE B 22 -6.73 -5.86 -6.10
N GLU B 23 -5.60 -5.36 -5.64
CA GLU B 23 -5.21 -5.54 -4.28
C GLU B 23 -6.34 -5.28 -3.32
N ASN B 24 -7.07 -4.18 -3.50
CA ASN B 24 -8.19 -3.85 -2.61
C ASN B 24 -9.35 -4.80 -2.71
N GLN B 25 -9.63 -5.27 -3.92
CA GLN B 25 -10.71 -6.23 -4.14
C GLN B 25 -10.39 -7.56 -3.46
N LEU B 26 -9.11 -7.94 -3.45
CA LEU B 26 -8.67 -9.18 -2.81
C LEU B 26 -8.78 -9.14 -1.29
N ASP B 27 -8.48 -8.01 -0.66
CA ASP B 27 -8.58 -7.87 0.78
C ASP B 27 -10.04 -7.97 1.18
N GLU B 28 -10.93 -7.47 0.34
CA GLU B 28 -12.33 -7.54 0.66
C GLU B 28 -12.79 -8.96 0.53
N LEU B 29 -12.45 -9.61 -0.57
CA LEU B 29 -12.84 -10.99 -0.76
C LEU B 29 -12.38 -11.80 0.44
N MET B 30 -11.17 -11.54 0.91
CA MET B 30 -10.59 -12.27 2.04
C MET B 30 -11.39 -12.05 3.28
N THR B 31 -12.08 -10.93 3.29
CA THR B 31 -12.94 -10.56 4.39
C THR B 31 -14.13 -11.52 4.52
N PHE B 32 -14.74 -11.84 3.40
CA PHE B 32 -15.88 -12.73 3.33
C PHE B 32 -15.49 -14.13 3.73
N TYR B 33 -14.27 -14.53 3.36
CA TYR B 33 -13.76 -15.86 3.64
C TYR B 33 -13.10 -15.96 4.98
N ASN B 34 -12.80 -14.82 5.55
CA ASN B 34 -12.20 -14.78 6.86
C ASN B 34 -10.74 -15.14 6.91
N TYR B 35 -9.96 -14.76 5.89
CA TYR B 35 -8.52 -15.03 5.89
C TYR B 35 -7.93 -13.72 6.33
N LYS B 36 -6.92 -13.76 7.19
CA LYS B 36 -6.29 -12.56 7.73
C LYS B 36 -4.92 -12.33 7.11
N GLU B 37 -4.56 -11.08 6.89
CA GLU B 37 -3.27 -10.78 6.26
C GLU B 37 -2.09 -10.86 7.17
N ILE B 38 -0.98 -11.34 6.66
CA ILE B 38 0.25 -11.40 7.42
C ILE B 38 1.26 -10.80 6.46
N ARG B 39 2.26 -10.09 6.97
CA ARG B 39 3.29 -9.52 6.12
C ARG B 39 4.61 -9.95 6.72
N THR B 40 5.34 -10.73 5.96
CA THR B 40 6.64 -11.26 6.31
C THR B 40 7.72 -10.33 5.72
N PRO B 41 8.93 -10.33 6.31
CA PRO B 41 10.01 -9.48 5.81
C PRO B 41 10.36 -9.85 4.38
N ILE B 42 11.02 -8.93 3.68
CA ILE B 42 11.38 -9.19 2.31
C ILE B 42 12.41 -10.33 2.26
N PHE B 43 13.23 -10.44 3.28
CA PHE B 43 14.19 -11.52 3.28
C PHE B 43 14.03 -12.38 4.54
N GLU B 44 14.55 -13.59 4.45
CA GLU B 44 14.53 -14.56 5.53
C GLU B 44 15.88 -15.19 5.65
N SER B 45 16.09 -15.99 6.68
CA SER B 45 17.35 -16.67 6.82
C SER B 45 17.44 -17.60 5.62
N THR B 46 18.59 -17.58 4.96
CA THR B 46 18.81 -18.42 3.79
C THR B 46 18.38 -19.84 4.15
N ASP B 47 18.65 -20.22 5.38
CA ASP B 47 18.33 -21.56 5.88
C ASP B 47 16.86 -21.97 5.85
N LEU B 48 15.95 -21.04 5.59
CA LEU B 48 14.53 -21.37 5.49
C LEU B 48 14.30 -21.89 4.10
N PHE B 49 14.81 -21.15 3.12
CA PHE B 49 14.63 -21.51 1.71
C PHE B 49 15.61 -22.61 1.31
N ALA B 50 16.55 -22.87 2.21
CA ALA B 50 17.55 -23.88 1.99
C ALA B 50 16.88 -25.24 2.08
N ARG B 51 15.92 -25.37 3.00
CA ARG B 51 15.22 -26.62 3.24
C ARG B 51 14.80 -27.49 2.05
N GLU B 63 18.09 -19.62 -9.21
CA GLU B 63 18.79 -19.18 -7.97
C GLU B 63 17.93 -18.18 -7.15
N MET B 64 18.48 -17.71 -6.03
CA MET B 64 17.81 -16.77 -5.15
C MET B 64 18.88 -15.74 -4.77
N TYR B 65 18.43 -14.58 -4.29
CA TYR B 65 19.34 -13.51 -3.92
C TYR B 65 19.75 -13.75 -2.49
N THR B 66 20.88 -14.40 -2.33
CA THR B 66 21.41 -14.69 -0.99
C THR B 66 22.64 -13.79 -0.82
N PHE B 67 22.88 -13.33 0.39
CA PHE B 67 24.04 -12.51 0.67
C PHE B 67 24.35 -12.59 2.14
N LYS B 68 25.61 -12.82 2.46
CA LYS B 68 26.02 -12.95 3.85
C LYS B 68 26.04 -11.62 4.54
N ASP B 69 24.89 -10.97 4.58
CA ASP B 69 24.85 -9.69 5.23
C ASP B 69 24.31 -9.89 6.61
N LYS B 70 23.65 -8.88 7.17
CA LYS B 70 23.08 -9.02 8.49
C LYS B 70 24.17 -9.40 9.50
N GLY B 71 25.42 -9.07 9.18
CA GLY B 71 26.53 -9.41 10.05
C GLY B 71 27.06 -10.75 9.58
N ASP B 72 27.43 -10.80 8.31
CA ASP B 72 27.95 -12.01 7.66
C ASP B 72 26.94 -13.18 7.71
N ARG B 73 25.82 -12.97 8.37
CA ARG B 73 24.78 -13.98 8.45
C ARG B 73 24.20 -14.12 7.04
N SER B 74 23.80 -15.32 6.65
CA SER B 74 23.29 -15.48 5.30
C SER B 74 21.79 -15.27 5.28
N ILE B 75 21.36 -14.26 4.51
CA ILE B 75 19.95 -13.94 4.36
C ILE B 75 19.56 -14.12 2.90
N THR B 76 18.26 -14.21 2.66
CA THR B 76 17.78 -14.39 1.30
C THR B 76 16.46 -13.74 0.94
N LEU B 77 16.46 -13.06 -0.21
CA LEU B 77 15.29 -12.40 -0.73
C LEU B 77 14.34 -13.58 -0.99
N ARG B 78 13.20 -13.58 -0.31
CA ARG B 78 12.26 -14.67 -0.45
C ARG B 78 11.80 -14.90 -1.85
N PRO B 79 11.78 -16.17 -2.33
CA PRO B 79 11.35 -16.55 -3.69
C PRO B 79 9.85 -16.84 -3.73
N GLU B 80 9.26 -17.11 -2.56
CA GLU B 80 7.83 -17.38 -2.45
C GLU B 80 7.40 -17.16 -0.99
N GLY B 81 6.10 -16.99 -0.76
CA GLY B 81 5.62 -16.74 0.58
C GLY B 81 5.11 -17.85 1.48
N THR B 82 5.19 -19.10 1.04
CA THR B 82 4.72 -20.21 1.86
C THR B 82 5.63 -20.54 3.04
N ALA B 83 6.91 -20.75 2.79
CA ALA B 83 7.85 -21.06 3.86
C ALA B 83 7.93 -19.93 4.88
N ALA B 84 7.72 -18.70 4.46
CA ALA B 84 7.76 -17.59 5.40
C ALA B 84 6.47 -17.59 6.23
N VAL B 85 5.34 -17.93 5.61
CA VAL B 85 4.13 -17.97 6.42
C VAL B 85 4.30 -19.12 7.43
N VAL B 86 4.92 -20.22 7.01
CA VAL B 86 5.13 -21.33 7.92
C VAL B 86 6.19 -20.97 8.97
N ARG B 87 7.19 -20.19 8.57
CA ARG B 87 8.22 -19.81 9.51
C ARG B 87 7.60 -18.92 10.58
N SER B 88 6.63 -18.10 10.18
CA SER B 88 5.98 -17.22 11.14
C SER B 88 5.03 -17.99 12.02
N TYR B 89 4.29 -18.89 11.38
CA TYR B 89 3.33 -19.76 12.03
C TYR B 89 4.03 -20.50 13.15
N ILE B 90 5.17 -21.10 12.85
CA ILE B 90 5.94 -21.81 13.88
C ILE B 90 6.46 -20.88 14.96
N GLU B 91 7.24 -19.89 14.57
CA GLU B 91 7.81 -18.96 15.51
C GLU B 91 6.78 -18.33 16.44
N HIS B 92 5.57 -18.09 15.96
CA HIS B 92 4.55 -17.47 16.80
C HIS B 92 3.65 -18.50 17.50
N LYS B 93 4.06 -19.76 17.43
CA LYS B 93 3.33 -20.85 18.04
C LYS B 93 1.84 -20.74 17.80
N MET B 94 1.48 -20.67 16.52
CA MET B 94 0.09 -20.54 16.09
C MET B 94 -0.71 -21.83 16.21
N GLN B 95 0.00 -22.95 16.20
CA GLN B 95 -0.61 -24.27 16.35
C GLN B 95 -1.39 -24.30 17.65
N GLY B 96 -0.97 -23.49 18.62
CA GLY B 96 -1.62 -23.43 19.91
C GLY B 96 -2.75 -22.43 19.98
N ASN B 97 -3.01 -21.76 18.88
CA ASN B 97 -4.07 -20.79 18.82
C ASN B 97 -5.45 -21.41 19.03
N PRO B 98 -6.28 -20.76 19.85
CA PRO B 98 -7.62 -21.30 20.09
C PRO B 98 -8.49 -21.30 18.81
N ASN B 99 -8.20 -20.37 17.90
CA ASN B 99 -8.91 -20.23 16.63
C ASN B 99 -8.18 -21.00 15.52
N GLN B 100 -8.82 -22.07 15.05
CA GLN B 100 -8.26 -22.91 13.98
C GLN B 100 -9.37 -23.29 12.98
N PRO B 101 -9.02 -23.56 11.70
CA PRO B 101 -7.66 -23.53 11.13
C PRO B 101 -7.12 -22.11 11.01
N ILE B 102 -5.80 -22.00 11.00
CA ILE B 102 -5.20 -20.72 10.81
C ILE B 102 -5.42 -20.39 9.34
N LYS B 103 -6.23 -19.37 9.08
CA LYS B 103 -6.53 -18.91 7.72
C LYS B 103 -5.81 -17.58 7.49
N LEU B 104 -4.69 -17.61 6.77
CA LEU B 104 -3.89 -16.41 6.49
C LEU B 104 -3.66 -16.15 5.00
N TYR B 105 -3.43 -14.89 4.64
CA TYR B 105 -3.14 -14.50 3.27
C TYR B 105 -2.03 -13.46 3.20
N TYR B 106 -1.45 -13.34 2.02
CA TYR B 106 -0.38 -12.40 1.79
C TYR B 106 -0.44 -11.86 0.37
N ASN B 107 0.30 -10.81 0.12
CA ASN B 107 0.36 -10.19 -1.18
C ASN B 107 1.58 -9.32 -1.17
N GLY B 108 2.59 -9.65 -1.98
CA GLY B 108 3.81 -8.85 -1.99
C GLY B 108 4.85 -9.30 -2.98
N PRO B 109 5.97 -8.56 -3.15
CA PRO B 109 7.00 -8.94 -4.11
C PRO B 109 7.79 -10.16 -3.69
N MET B 110 8.07 -11.01 -4.68
CA MET B 110 8.85 -12.24 -4.51
C MET B 110 10.04 -12.07 -5.45
N PHE B 111 11.16 -12.70 -5.12
CA PHE B 111 12.40 -12.56 -5.88
C PHE B 111 13.06 -13.84 -6.36
N ARG B 112 13.00 -14.11 -7.65
CA ARG B 112 13.65 -15.30 -8.19
C ARG B 112 14.64 -14.90 -9.29
N TYR B 113 15.85 -15.47 -9.20
CA TYR B 113 17.00 -15.24 -10.11
C TYR B 113 16.87 -15.66 -11.55
N TYR B 121 10.42 -11.36 -14.90
CA TYR B 121 10.86 -10.40 -13.83
C TYR B 121 11.52 -11.08 -12.65
N ARG B 122 12.67 -10.56 -12.22
CA ARG B 122 13.31 -11.13 -11.05
C ARG B 122 12.47 -10.75 -9.84
N GLN B 123 11.76 -9.63 -9.91
CA GLN B 123 10.88 -9.21 -8.82
C GLN B 123 9.47 -9.33 -9.35
N PHE B 124 8.66 -10.16 -8.71
CA PHE B 124 7.27 -10.34 -9.15
C PHE B 124 6.39 -10.23 -7.92
N ASN B 125 5.11 -9.90 -8.09
CA ASN B 125 4.23 -9.76 -6.93
C ASN B 125 3.18 -10.82 -6.78
N GLN B 126 3.53 -11.84 -5.98
CA GLN B 126 2.63 -12.96 -5.72
C GLN B 126 1.69 -12.75 -4.51
N PHE B 127 0.44 -13.18 -4.69
CA PHE B 127 -0.62 -13.12 -3.68
C PHE B 127 -0.98 -14.58 -3.41
N GLY B 128 -1.35 -14.92 -2.18
CA GLY B 128 -1.70 -16.29 -1.87
C GLY B 128 -2.36 -16.47 -0.52
N VAL B 129 -2.95 -17.66 -0.27
CA VAL B 129 -3.60 -17.98 1.00
C VAL B 129 -3.02 -19.28 1.49
N GLU B 130 -3.20 -19.53 2.78
CA GLU B 130 -2.74 -20.74 3.47
C GLU B 130 -3.73 -21.03 4.59
N ALA B 131 -4.35 -22.21 4.59
CA ALA B 131 -5.28 -22.60 5.66
C ALA B 131 -4.58 -23.75 6.33
N ILE B 132 -4.06 -23.53 7.53
CA ILE B 132 -3.33 -24.57 8.22
C ILE B 132 -4.01 -25.08 9.48
N GLY B 133 -4.05 -26.41 9.61
CA GLY B 133 -4.64 -27.04 10.78
C GLY B 133 -6.05 -27.61 10.70
N ALA B 134 -6.47 -28.15 9.57
CA ALA B 134 -7.81 -28.72 9.50
C ALA B 134 -7.97 -29.49 8.19
N GLU B 135 -7.38 -30.68 8.11
CA GLU B 135 -7.51 -31.48 6.91
C GLU B 135 -8.98 -31.80 6.85
N ASN B 136 -9.64 -31.29 5.82
CA ASN B 136 -11.05 -31.53 5.72
C ASN B 136 -11.55 -31.14 4.34
N PRO B 137 -12.22 -32.07 3.66
CA PRO B 137 -12.75 -31.80 2.33
C PRO B 137 -13.46 -30.45 2.24
N SER B 138 -14.31 -30.13 3.21
CA SER B 138 -15.06 -28.86 3.19
C SER B 138 -14.15 -27.65 3.15
N VAL B 139 -12.93 -27.78 3.67
CA VAL B 139 -11.94 -26.70 3.67
C VAL B 139 -11.33 -26.57 2.27
N ASP B 140 -10.97 -27.71 1.66
CA ASP B 140 -10.42 -27.71 0.31
C ASP B 140 -11.46 -27.09 -0.60
N ALA B 141 -12.73 -27.41 -0.36
CA ALA B 141 -13.85 -26.88 -1.15
C ALA B 141 -13.87 -25.36 -1.01
N GLU B 142 -13.75 -24.88 0.22
CA GLU B 142 -13.72 -23.45 0.47
C GLU B 142 -12.56 -22.79 -0.26
N VAL B 143 -11.35 -23.33 -0.23
CA VAL B 143 -10.29 -22.65 -0.99
C VAL B 143 -10.49 -22.76 -2.49
N LEU B 144 -11.05 -23.84 -3.01
CA LEU B 144 -11.23 -23.93 -4.47
C LEU B 144 -12.34 -23.01 -4.91
N ALA B 145 -13.37 -22.87 -4.08
CA ALA B 145 -14.50 -21.98 -4.41
C ALA B 145 -14.01 -20.54 -4.48
N MET B 146 -13.02 -20.24 -3.63
CA MET B 146 -12.37 -18.92 -3.52
C MET B 146 -11.48 -18.64 -4.72
N VAL B 147 -10.65 -19.61 -5.11
CA VAL B 147 -9.76 -19.41 -6.25
C VAL B 147 -10.62 -19.13 -7.47
N MET B 148 -11.80 -19.73 -7.53
CA MET B 148 -12.70 -19.46 -8.65
C MET B 148 -13.34 -18.09 -8.48
N HIS B 149 -13.78 -17.79 -7.27
CA HIS B 149 -14.41 -16.51 -6.91
C HIS B 149 -13.52 -15.30 -7.25
N ILE B 150 -12.30 -15.31 -6.74
CA ILE B 150 -11.36 -14.22 -6.99
C ILE B 150 -11.36 -13.83 -8.45
N TYR B 151 -11.02 -14.80 -9.32
CA TYR B 151 -10.96 -14.59 -10.75
C TYR B 151 -12.29 -14.24 -11.34
N GLN B 152 -13.36 -14.82 -10.83
CA GLN B 152 -14.64 -14.47 -11.40
C GLN B 152 -15.07 -13.08 -11.01
N SER B 153 -14.56 -12.59 -9.87
CA SER B 153 -14.97 -11.27 -9.40
C SER B 153 -14.50 -10.14 -10.29
N PHE B 154 -13.50 -10.41 -11.11
CA PHE B 154 -12.95 -9.41 -12.02
C PHE B 154 -13.55 -9.52 -13.43
N GLY B 155 -14.44 -10.47 -13.64
CA GLY B 155 -15.06 -10.62 -14.94
C GLY B 155 -14.39 -11.57 -15.90
N LEU B 156 -13.34 -12.26 -15.47
CA LEU B 156 -12.68 -13.21 -16.37
C LEU B 156 -13.69 -14.28 -16.63
N LYS B 157 -13.64 -14.85 -17.83
CA LYS B 157 -14.62 -15.82 -18.22
C LYS B 157 -14.21 -17.12 -18.82
N HIS B 158 -13.01 -17.24 -19.37
CA HIS B 158 -12.71 -18.53 -19.95
C HIS B 158 -11.81 -19.38 -19.07
N LEU B 159 -12.23 -19.43 -17.81
CA LEU B 159 -11.57 -20.14 -16.72
C LEU B 159 -11.80 -21.64 -16.84
N LYS B 160 -10.92 -22.42 -16.21
CA LYS B 160 -10.97 -23.88 -16.30
C LYS B 160 -10.18 -24.47 -15.13
N LEU B 161 -10.90 -24.82 -14.07
CA LEU B 161 -10.30 -25.39 -12.87
C LEU B 161 -9.94 -26.84 -13.09
N VAL B 162 -8.69 -27.17 -12.83
CA VAL B 162 -8.17 -28.51 -12.98
C VAL B 162 -7.68 -29.02 -11.64
N ILE B 163 -8.16 -30.20 -11.25
CA ILE B 163 -7.79 -30.80 -9.96
C ILE B 163 -7.26 -32.21 -10.12
N ASN B 164 -6.57 -32.68 -9.09
CA ASN B 164 -6.08 -34.04 -9.02
C ASN B 164 -5.79 -34.36 -7.55
N SER B 165 -5.53 -35.61 -7.21
CA SER B 165 -5.24 -35.93 -5.83
C SER B 165 -4.15 -36.95 -5.88
N VAL B 166 -3.22 -36.81 -4.96
CA VAL B 166 -2.10 -37.71 -4.86
C VAL B 166 -2.20 -38.52 -3.57
N GLY B 167 -3.44 -38.70 -3.14
CA GLY B 167 -3.72 -39.49 -1.94
C GLY B 167 -3.00 -39.03 -0.71
N ASP B 168 -3.09 -39.82 0.36
CA ASP B 168 -2.43 -39.47 1.61
C ASP B 168 -0.98 -39.89 1.59
N MET B 169 -0.31 -39.76 2.74
CA MET B 169 1.09 -40.15 2.86
C MET B 169 1.26 -41.68 2.85
N ALA B 170 0.23 -42.39 3.33
CA ALA B 170 0.29 -43.84 3.33
C ALA B 170 0.32 -44.26 1.86
N SER B 171 -0.46 -43.59 1.02
CA SER B 171 -0.47 -43.87 -0.41
C SER B 171 0.88 -43.39 -0.96
N SER B 231 -8.18 -41.43 1.64
CA SER B 231 -7.89 -40.48 0.54
C SER B 231 -8.97 -40.44 -0.54
N LYS B 232 -9.06 -41.49 -1.35
CA LYS B 232 -10.07 -41.55 -2.42
C LYS B 232 -11.38 -40.89 -2.05
N ALA B 233 -11.93 -41.22 -0.88
CA ALA B 233 -13.20 -40.64 -0.45
C ALA B 233 -13.04 -39.15 -0.12
N TYR B 234 -11.82 -38.77 0.25
CA TYR B 234 -11.54 -37.36 0.54
C TYR B 234 -11.80 -36.66 -0.77
N TYR B 235 -11.06 -37.11 -1.79
CA TYR B 235 -11.13 -36.60 -3.15
C TYR B 235 -12.53 -36.65 -3.70
N GLU B 236 -13.26 -37.73 -3.48
CA GLU B 236 -14.64 -37.79 -3.96
C GLU B 236 -15.50 -36.75 -3.21
N GLN B 237 -15.14 -36.43 -1.97
CA GLN B 237 -15.88 -35.44 -1.18
C GLN B 237 -15.61 -34.03 -1.67
N VAL B 238 -14.34 -33.74 -1.94
CA VAL B 238 -13.95 -32.45 -2.46
C VAL B 238 -14.75 -32.25 -3.76
N LYS B 239 -14.75 -33.24 -4.65
CA LYS B 239 -15.48 -33.09 -5.88
C LYS B 239 -16.95 -33.11 -5.60
N ALA B 240 -17.38 -33.76 -4.51
CA ALA B 240 -18.81 -33.82 -4.19
C ALA B 240 -19.21 -32.40 -4.01
N TYR B 241 -18.47 -31.75 -3.14
CA TYR B 241 -18.64 -30.34 -2.80
C TYR B 241 -18.61 -29.45 -4.04
N LEU B 242 -17.59 -29.62 -4.87
CA LEU B 242 -17.51 -28.82 -6.07
C LEU B 242 -18.81 -28.96 -6.87
N ASP B 243 -19.35 -30.17 -6.91
CA ASP B 243 -20.58 -30.40 -7.63
C ASP B 243 -21.72 -29.67 -6.93
N ASP B 244 -21.70 -29.69 -5.60
CA ASP B 244 -22.71 -29.03 -4.78
C ASP B 244 -22.78 -27.56 -5.11
N LEU B 245 -21.59 -26.97 -5.00
CA LEU B 245 -21.33 -25.56 -5.21
C LEU B 245 -21.52 -25.13 -6.67
N GLY B 246 -21.62 -26.10 -7.55
CA GLY B 246 -21.79 -25.80 -8.95
C GLY B 246 -20.53 -25.29 -9.57
N ILE B 247 -19.39 -25.82 -9.14
CA ILE B 247 -18.09 -25.41 -9.68
C ILE B 247 -17.64 -26.52 -10.63
N PRO B 248 -17.45 -26.19 -11.92
CA PRO B 248 -17.02 -27.16 -12.93
C PRO B 248 -15.51 -27.39 -12.81
N TYR B 249 -15.07 -28.62 -13.02
CA TYR B 249 -13.66 -28.92 -12.89
C TYR B 249 -13.27 -30.03 -13.84
N THR B 250 -11.98 -30.11 -14.10
CA THR B 250 -11.38 -31.06 -15.00
C THR B 250 -10.41 -31.82 -14.16
N GLU B 251 -10.56 -33.12 -14.12
CA GLU B 251 -9.66 -33.94 -13.36
C GLU B 251 -8.51 -34.31 -14.24
N ASP B 252 -7.31 -33.85 -13.92
CA ASP B 252 -6.18 -34.19 -14.75
C ASP B 252 -5.27 -35.13 -14.01
N PRO B 253 -5.46 -36.45 -14.23
CA PRO B 253 -4.66 -37.50 -13.59
C PRO B 253 -3.17 -37.14 -13.54
N ASN B 254 -2.71 -36.44 -14.56
CA ASN B 254 -1.30 -36.07 -14.70
C ASN B 254 -0.86 -34.81 -13.98
N LEU B 255 -1.78 -34.17 -13.27
CA LEU B 255 -1.49 -32.96 -12.51
C LEU B 255 -1.10 -33.44 -11.12
N VAL B 256 0.17 -33.68 -10.94
CA VAL B 256 0.67 -34.16 -9.66
C VAL B 256 1.86 -33.34 -9.27
N ARG B 257 2.34 -33.54 -8.04
CA ARG B 257 3.52 -32.85 -7.51
C ARG B 257 4.39 -33.85 -6.77
N GLY B 258 5.67 -33.83 -7.14
CA GLY B 258 6.65 -34.76 -6.59
C GLY B 258 6.94 -34.64 -5.12
N LEU B 259 6.97 -33.42 -4.58
CA LEU B 259 7.27 -33.18 -3.16
C LEU B 259 6.41 -34.05 -2.26
N ASP B 260 7.06 -34.99 -1.57
CA ASP B 260 6.33 -35.92 -0.72
C ASP B 260 5.49 -35.33 0.42
N TYR B 261 5.57 -34.01 0.62
CA TYR B 261 4.74 -33.39 1.65
C TYR B 261 3.51 -32.76 1.02
N TYR B 262 3.28 -33.07 -0.25
CA TYR B 262 2.12 -32.59 -0.96
C TYR B 262 1.11 -33.70 -0.83
N THR B 263 0.39 -33.72 0.29
CA THR B 263 -0.54 -34.81 0.52
C THR B 263 -1.70 -35.08 -0.44
N HIS B 264 -2.76 -34.28 -0.45
CA HIS B 264 -3.88 -34.63 -1.31
C HIS B 264 -4.15 -33.87 -2.61
N THR B 265 -5.11 -32.94 -2.57
CA THR B 265 -5.50 -32.18 -3.75
C THR B 265 -4.39 -31.29 -4.24
N ALA B 266 -4.28 -31.19 -5.58
CA ALA B 266 -3.35 -30.30 -6.29
C ALA B 266 -4.18 -29.74 -7.43
N PHE B 267 -4.18 -28.42 -7.57
CA PHE B 267 -4.99 -27.75 -8.58
C PHE B 267 -4.33 -26.57 -9.28
N GLU B 268 -4.93 -26.18 -10.40
CA GLU B 268 -4.49 -25.06 -11.22
C GLU B 268 -5.73 -24.46 -11.89
N LEU B 269 -5.80 -23.14 -11.95
CA LEU B 269 -6.93 -22.45 -12.59
C LEU B 269 -6.30 -22.08 -13.93
N MET B 270 -6.96 -22.53 -15.02
CA MET B 270 -6.49 -22.30 -16.38
C MET B 270 -7.40 -21.33 -17.09
N MET B 271 -6.83 -20.54 -17.98
CA MET B 271 -7.63 -19.59 -18.73
C MET B 271 -7.37 -19.82 -20.20
N ASP B 272 -8.39 -20.28 -20.92
CA ASP B 272 -8.25 -20.55 -22.34
C ASP B 272 -8.47 -19.26 -23.06
N ASN B 273 -7.43 -18.85 -23.76
CA ASN B 273 -7.40 -17.61 -24.50
C ASN B 273 -6.37 -17.73 -25.66
N PRO B 274 -6.84 -17.52 -26.92
CA PRO B 274 -6.08 -17.57 -28.18
C PRO B 274 -4.70 -16.91 -28.16
N ASN B 275 -4.55 -15.89 -27.32
CA ASN B 275 -3.31 -15.12 -27.22
C ASN B 275 -2.14 -15.79 -26.58
N TYR B 276 -2.37 -16.84 -25.81
CA TYR B 276 -1.26 -17.52 -25.17
C TYR B 276 -0.86 -18.76 -25.95
N ASP B 277 0.38 -19.19 -25.79
CA ASP B 277 0.81 -20.39 -26.48
C ASP B 277 0.10 -21.58 -25.87
N GLY B 278 -0.68 -22.24 -26.71
CA GLY B 278 -1.45 -23.39 -26.29
C GLY B 278 -2.89 -22.92 -26.21
N ALA B 279 -3.06 -21.59 -26.21
CA ALA B 279 -4.37 -20.92 -26.13
C ALA B 279 -5.03 -21.10 -24.75
N ILE B 280 -4.18 -21.28 -23.74
CA ILE B 280 -4.59 -21.47 -22.35
C ILE B 280 -3.39 -21.05 -21.56
N THR B 281 -3.63 -20.72 -20.30
CA THR B 281 -2.55 -20.30 -19.41
C THR B 281 -2.91 -20.68 -18.00
N THR B 282 -1.90 -20.83 -17.15
CA THR B 282 -2.16 -21.16 -15.75
C THR B 282 -2.22 -19.86 -14.99
N LEU B 283 -3.40 -19.55 -14.50
CA LEU B 283 -3.63 -18.34 -13.73
C LEU B 283 -3.19 -18.49 -12.26
N CYS B 284 -3.60 -19.60 -11.65
CA CYS B 284 -3.36 -19.89 -10.24
C CYS B 284 -3.08 -21.39 -10.06
N GLY B 285 -2.44 -21.75 -8.96
CA GLY B 285 -2.11 -23.14 -8.64
C GLY B 285 -1.88 -23.34 -7.15
N GLY B 286 -2.13 -24.56 -6.65
CA GLY B 286 -1.94 -24.82 -5.22
C GLY B 286 -2.41 -26.20 -4.79
N GLY B 287 -2.59 -26.44 -3.49
CA GLY B 287 -3.03 -27.75 -3.00
C GLY B 287 -2.63 -28.08 -1.57
N ARG B 288 -3.09 -29.20 -1.01
CA ARG B 288 -2.74 -29.60 0.38
C ARG B 288 -1.31 -30.06 0.53
N TYR B 289 -0.88 -30.19 1.78
CA TYR B 289 0.46 -30.64 2.09
C TYR B 289 0.53 -31.14 3.53
N ASN B 290 1.26 -32.23 3.75
CA ASN B 290 1.45 -32.72 5.11
C ASN B 290 2.88 -33.18 5.16
N GLY B 291 3.72 -32.36 5.79
CA GLY B 291 5.13 -32.65 5.90
C GLY B 291 5.97 -31.41 5.74
N LEU B 292 5.35 -30.33 5.25
CA LEU B 292 6.04 -29.04 5.04
C LEU B 292 6.47 -28.42 6.38
N LEU B 293 5.53 -28.34 7.32
CA LEU B 293 5.76 -27.77 8.63
C LEU B 293 6.93 -28.37 9.36
N GLU B 294 7.06 -29.69 9.27
CA GLU B 294 8.14 -30.44 9.93
C GLU B 294 9.52 -30.18 9.31
N LEU B 295 9.56 -29.96 8.00
CA LEU B 295 10.83 -29.64 7.37
C LEU B 295 11.30 -28.32 7.99
N LEU B 296 10.34 -27.42 8.25
CA LEU B 296 10.66 -26.11 8.83
C LEU B 296 10.72 -26.14 10.36
N ASP B 297 10.93 -27.33 10.92
CA ASP B 297 11.03 -27.49 12.36
C ASP B 297 9.72 -27.19 13.09
N GLY B 298 8.62 -27.74 12.60
CA GLY B 298 7.35 -27.48 13.26
C GLY B 298 6.47 -28.70 13.38
N PRO B 299 5.25 -28.57 13.95
CA PRO B 299 4.20 -29.57 14.20
C PRO B 299 3.80 -30.32 12.96
N SER B 300 3.01 -31.37 13.12
CA SER B 300 2.60 -32.13 11.96
C SER B 300 1.32 -31.63 11.32
N GLU B 301 1.07 -30.34 11.47
CA GLU B 301 -0.13 -29.75 10.90
C GLU B 301 -0.31 -29.97 9.40
N THR B 302 -1.56 -30.15 9.01
CA THR B 302 -1.91 -30.32 7.60
C THR B 302 -2.16 -28.90 7.10
N GLY B 303 -2.10 -28.70 5.79
CA GLY B 303 -2.34 -27.37 5.24
C GLY B 303 -2.66 -27.38 3.77
N ILE B 304 -3.36 -26.36 3.30
CA ILE B 304 -3.70 -26.21 1.90
C ILE B 304 -3.47 -24.77 1.57
N GLY B 305 -3.20 -24.47 0.32
CA GLY B 305 -2.99 -23.10 -0.07
C GLY B 305 -2.83 -22.97 -1.55
N PHE B 306 -2.64 -21.74 -2.00
CA PHE B 306 -2.44 -21.46 -3.40
C PHE B 306 -1.72 -20.13 -3.52
N ALA B 307 -1.14 -19.88 -4.70
CA ALA B 307 -0.42 -18.64 -4.98
C ALA B 307 -0.89 -18.11 -6.30
N LEU B 308 -0.72 -16.83 -6.50
CA LEU B 308 -1.27 -16.23 -7.69
C LEU B 308 -0.45 -15.01 -8.01
N SER B 309 -0.34 -14.69 -9.29
CA SER B 309 0.47 -13.56 -9.72
C SER B 309 -0.46 -12.43 -10.05
N ILE B 310 -0.24 -11.26 -9.48
CA ILE B 310 -1.10 -10.15 -9.79
C ILE B 310 -0.78 -9.70 -11.20
N GLU B 311 0.49 -9.80 -11.59
CA GLU B 311 0.84 -9.42 -12.96
C GLU B 311 0.10 -10.25 -14.00
N ARG B 312 0.11 -11.57 -13.86
CA ARG B 312 -0.61 -12.41 -14.78
C ARG B 312 -2.12 -12.08 -14.76
N LEU B 313 -2.69 -11.87 -13.58
CA LEU B 313 -4.11 -11.54 -13.49
C LEU B 313 -4.36 -10.27 -14.28
N LEU B 314 -3.49 -9.29 -14.12
CA LEU B 314 -3.61 -8.04 -14.84
C LEU B 314 -3.64 -8.31 -16.36
N LEU B 315 -2.69 -9.12 -16.82
CA LEU B 315 -2.57 -9.49 -18.23
C LEU B 315 -3.78 -10.26 -18.73
N ALA B 316 -4.35 -11.12 -17.89
CA ALA B 316 -5.54 -11.92 -18.22
C ALA B 316 -6.70 -10.98 -18.52
N LEU B 317 -6.85 -9.92 -17.72
CA LEU B 317 -7.92 -8.94 -17.95
C LEU B 317 -7.66 -8.25 -19.29
N GLU B 318 -6.40 -8.05 -19.62
CA GLU B 318 -6.03 -7.42 -20.88
C GLU B 318 -6.53 -8.28 -22.03
N GLU B 319 -5.99 -9.50 -22.11
CA GLU B 319 -6.31 -10.45 -23.16
C GLU B 319 -7.80 -10.68 -23.29
N GLU B 320 -8.53 -10.71 -22.19
CA GLU B 320 -9.97 -10.93 -22.30
C GLU B 320 -10.66 -9.63 -22.69
N GLY B 321 -9.89 -8.56 -22.71
CA GLY B 321 -10.44 -7.26 -23.07
C GLY B 321 -11.34 -6.72 -21.97
N ILE B 322 -10.77 -6.64 -20.78
CA ILE B 322 -11.52 -6.14 -19.65
C ILE B 322 -10.90 -4.88 -19.06
N GLU B 323 -11.80 -3.98 -18.70
CA GLU B 323 -11.43 -2.72 -18.09
C GLU B 323 -11.98 -2.75 -16.65
N LEU B 324 -11.23 -2.18 -15.72
CA LEU B 324 -11.60 -2.14 -14.30
C LEU B 324 -12.30 -0.81 -14.01
N ASP B 325 -13.17 -0.75 -13.00
CA ASP B 325 -13.86 0.52 -12.67
C ASP B 325 -12.92 1.55 -11.99
N ILE B 326 -11.79 1.81 -12.65
CA ILE B 326 -10.76 2.75 -12.19
C ILE B 326 -11.05 4.19 -12.65
N GLU B 327 -10.40 4.57 -13.76
CA GLU B 327 -10.49 5.91 -14.33
C GLU B 327 -10.29 6.95 -13.22
N GLU B 328 -9.01 7.24 -12.92
CA GLU B 328 -8.67 8.23 -11.92
C GLU B 328 -8.98 9.55 -12.60
N ASN B 329 -10.06 10.21 -12.18
CA ASN B 329 -10.44 11.45 -12.81
C ASN B 329 -10.66 12.62 -11.89
N LEU B 330 -10.02 13.75 -12.17
CA LEU B 330 -10.15 14.94 -11.32
C LEU B 330 -11.57 15.41 -11.24
N ASP B 331 -11.98 15.95 -10.09
CA ASP B 331 -13.33 16.48 -9.93
C ASP B 331 -13.41 17.92 -10.38
N LEU B 332 -12.40 18.70 -10.06
CA LEU B 332 -12.36 20.14 -10.41
C LEU B 332 -10.94 20.66 -10.67
N PHE B 333 -10.75 21.37 -11.78
CA PHE B 333 -9.45 21.99 -12.04
C PHE B 333 -9.70 23.49 -12.00
N ILE B 334 -8.94 24.17 -11.14
CA ILE B 334 -9.07 25.63 -10.96
C ILE B 334 -8.13 26.40 -11.84
N VAL B 335 -8.72 27.16 -12.78
CA VAL B 335 -7.99 28.03 -13.71
C VAL B 335 -8.06 29.44 -13.08
N THR B 336 -6.92 30.04 -12.79
CA THR B 336 -6.89 31.39 -12.16
C THR B 336 -6.25 32.50 -13.01
N MET B 337 -6.74 33.72 -12.84
CA MET B 337 -6.22 34.84 -13.60
C MET B 337 -5.50 35.84 -12.69
N GLY B 338 -4.18 35.89 -12.80
CA GLY B 338 -3.41 36.82 -12.00
C GLY B 338 -3.28 36.40 -10.55
N ASP B 339 -2.40 37.09 -9.83
CA ASP B 339 -2.12 36.79 -8.42
C ASP B 339 -3.29 36.72 -7.42
N GLN B 340 -4.10 37.76 -7.34
CA GLN B 340 -5.23 37.79 -6.41
C GLN B 340 -6.04 36.50 -6.55
N ALA B 341 -6.53 36.25 -7.75
CA ALA B 341 -7.32 35.05 -8.04
C ALA B 341 -6.56 33.78 -7.70
N ASP B 342 -5.29 33.75 -8.05
CA ASP B 342 -4.48 32.58 -7.79
C ASP B 342 -4.25 32.29 -6.32
N ARG B 343 -4.06 33.33 -5.52
CA ARG B 343 -3.83 33.13 -4.11
C ARG B 343 -5.12 32.73 -3.42
N TYR B 344 -6.23 32.95 -4.10
CA TYR B 344 -7.55 32.57 -3.61
C TYR B 344 -7.76 31.07 -3.86
N ALA B 345 -7.30 30.62 -5.03
CA ALA B 345 -7.37 29.23 -5.46
C ALA B 345 -6.65 28.33 -4.49
N VAL B 346 -5.65 28.86 -3.78
CA VAL B 346 -4.90 28.07 -2.80
C VAL B 346 -5.75 27.76 -1.56
N LYS B 347 -6.45 28.75 -1.00
CA LYS B 347 -7.32 28.44 0.15
C LYS B 347 -8.42 27.51 -0.35
N LEU B 348 -8.97 27.83 -1.51
CA LEU B 348 -10.04 27.06 -2.11
C LEU B 348 -9.69 25.58 -2.25
N LEU B 349 -8.53 25.31 -2.80
CA LEU B 349 -8.03 23.95 -2.99
C LEU B 349 -8.02 23.19 -1.67
N ASN B 350 -7.34 23.79 -0.68
CA ASN B 350 -7.20 23.24 0.65
C ASN B 350 -8.59 22.93 1.19
N HIS B 351 -9.55 23.76 0.84
CA HIS B 351 -10.87 23.59 1.31
C HIS B 351 -11.53 22.41 0.73
N LEU B 352 -11.58 22.39 -0.58
CA LEU B 352 -12.17 21.30 -1.32
C LEU B 352 -11.53 19.97 -0.86
N ARG B 353 -10.21 19.89 -0.89
CA ARG B 353 -9.49 18.68 -0.51
C ARG B 353 -9.86 18.19 0.91
N HIS B 354 -10.16 19.11 1.79
CA HIS B 354 -10.56 18.74 3.15
C HIS B 354 -11.99 18.25 3.13
N ASN B 355 -12.57 18.13 1.95
CA ASN B 355 -13.95 17.68 1.84
C ASN B 355 -14.17 16.57 0.83
N GLY B 356 -13.11 15.82 0.53
CA GLY B 356 -13.27 14.70 -0.36
C GLY B 356 -13.49 15.02 -1.82
N ILE B 357 -13.25 16.26 -2.21
CA ILE B 357 -13.39 16.64 -3.62
C ILE B 357 -11.97 16.53 -4.16
N LYS B 358 -11.80 15.94 -5.33
CA LYS B 358 -10.47 15.86 -5.90
C LYS B 358 -10.34 17.08 -6.76
N ALA B 359 -9.45 17.98 -6.39
CA ALA B 359 -9.25 19.20 -7.16
C ALA B 359 -7.78 19.48 -7.38
N ASP B 360 -7.47 20.34 -8.34
CA ASP B 360 -6.09 20.72 -8.61
C ASP B 360 -6.13 22.03 -9.36
N LYS B 361 -5.07 22.83 -9.23
CA LYS B 361 -4.99 24.12 -9.91
C LYS B 361 -3.77 24.09 -10.78
N ASP B 362 -3.35 25.26 -11.23
CA ASP B 362 -2.19 25.35 -12.09
C ASP B 362 -0.95 25.97 -11.49
N TYR B 363 0.06 25.14 -11.27
CA TYR B 363 1.36 25.62 -10.79
C TYR B 363 1.96 25.93 -12.14
N LEU B 364 3.27 26.11 -12.29
CA LEU B 364 3.76 26.39 -13.69
C LEU B 364 3.23 27.68 -14.41
N GLN B 365 2.29 28.42 -13.82
CA GLN B 365 1.76 29.66 -14.39
C GLN B 365 1.61 29.67 -15.89
N ARG B 366 0.51 29.16 -16.40
CA ARG B 366 0.32 29.16 -17.84
C ARG B 366 -0.93 29.83 -18.39
N LYS B 367 -0.93 30.04 -19.71
CA LYS B 367 -2.04 30.69 -20.41
C LYS B 367 -3.31 29.85 -20.30
N ILE B 368 -4.49 30.48 -20.33
CA ILE B 368 -5.75 29.76 -20.23
C ILE B 368 -5.78 28.52 -21.10
N LYS B 369 -5.31 28.63 -22.34
CA LYS B 369 -5.34 27.48 -23.23
C LYS B 369 -4.55 26.34 -22.56
N GLY B 370 -3.43 26.70 -21.96
CA GLY B 370 -2.62 25.71 -21.28
C GLY B 370 -3.25 25.18 -20.01
N GLN B 371 -3.94 26.04 -19.29
CA GLN B 371 -4.54 25.56 -18.09
C GLN B 371 -5.69 24.65 -18.49
N MET B 372 -6.45 25.06 -19.50
CA MET B 372 -7.59 24.26 -19.97
C MET B 372 -7.15 22.88 -20.47
N LYS B 373 -6.00 22.82 -21.12
CA LYS B 373 -5.48 21.54 -21.60
C LYS B 373 -5.09 20.66 -20.41
N GLN B 374 -4.43 21.23 -19.41
CA GLN B 374 -4.07 20.46 -18.23
C GLN B 374 -5.35 19.89 -17.59
N ALA B 375 -6.40 20.70 -17.53
CA ALA B 375 -7.67 20.28 -16.93
C ALA B 375 -8.10 19.02 -17.66
N ASP B 376 -7.98 19.07 -18.98
CA ASP B 376 -8.35 17.96 -19.84
C ASP B 376 -7.40 16.79 -19.62
N ARG B 377 -6.11 17.09 -19.54
CA ARG B 377 -5.07 16.10 -19.33
C ARG B 377 -5.32 15.30 -18.06
N LEU B 378 -5.67 16.01 -16.98
CA LEU B 378 -5.93 15.40 -15.68
C LEU B 378 -7.31 14.76 -15.59
N GLY B 379 -8.14 14.98 -16.61
CA GLY B 379 -9.48 14.40 -16.63
C GLY B 379 -10.52 15.16 -15.83
N ALA B 380 -10.24 16.41 -15.53
CA ALA B 380 -11.13 17.24 -14.74
C ALA B 380 -12.57 17.19 -15.21
N LYS B 381 -13.45 16.62 -14.39
CA LYS B 381 -14.87 16.55 -14.75
C LYS B 381 -15.41 17.96 -14.96
N PHE B 382 -14.95 18.89 -14.12
CA PHE B 382 -15.39 20.26 -14.21
C PHE B 382 -14.21 21.19 -14.24
N THR B 383 -14.51 22.44 -14.56
CA THR B 383 -13.51 23.48 -14.66
C THR B 383 -14.12 24.77 -14.16
N ILE B 384 -13.27 25.67 -13.66
CA ILE B 384 -13.68 27.03 -13.26
C ILE B 384 -12.51 27.93 -13.52
N VAL B 385 -12.79 29.17 -13.88
CA VAL B 385 -11.76 30.17 -14.17
C VAL B 385 -11.98 31.29 -13.17
N ILE B 386 -11.10 31.43 -12.19
CA ILE B 386 -11.26 32.51 -11.24
C ILE B 386 -10.39 33.68 -11.71
N GLY B 387 -10.99 34.86 -11.71
CA GLY B 387 -10.30 36.06 -12.12
C GLY B 387 -10.91 37.12 -11.23
N ASP B 388 -10.36 38.33 -11.25
CA ASP B 388 -10.87 39.37 -10.37
C ASP B 388 -12.37 39.71 -10.47
N GLN B 389 -12.92 39.68 -11.68
CA GLN B 389 -14.35 39.97 -11.80
C GLN B 389 -15.20 38.97 -10.99
N GLU B 390 -14.84 37.70 -11.05
CA GLU B 390 -15.54 36.62 -10.34
C GLU B 390 -15.34 36.77 -8.86
N LEU B 391 -14.13 37.25 -8.52
CA LEU B 391 -13.68 37.45 -7.15
C LEU B 391 -14.49 38.48 -6.39
N GLU B 392 -15.15 39.38 -7.14
CA GLU B 392 -15.99 40.43 -6.53
C GLU B 392 -17.50 40.08 -6.60
N ASN B 393 -17.95 39.74 -7.82
CA ASN B 393 -19.35 39.35 -8.05
C ASN B 393 -19.68 38.15 -7.14
N ASN B 394 -18.65 37.43 -6.71
CA ASN B 394 -18.80 36.25 -5.87
C ASN B 394 -19.68 35.27 -6.64
N LYS B 395 -19.29 35.02 -7.88
CA LYS B 395 -20.05 34.10 -8.73
C LYS B 395 -19.17 33.61 -9.85
N ILE B 396 -19.23 32.31 -10.14
CA ILE B 396 -18.45 31.72 -11.22
C ILE B 396 -19.30 30.75 -12.02
N ASP B 397 -18.81 30.46 -13.21
CA ASP B 397 -19.47 29.54 -14.09
C ASP B 397 -18.69 28.25 -14.00
N VAL B 398 -19.36 27.22 -13.51
CA VAL B 398 -18.80 25.90 -13.38
C VAL B 398 -19.15 25.14 -14.69
N LYS B 399 -18.20 25.02 -15.59
CA LYS B 399 -18.47 24.34 -16.85
C LYS B 399 -18.20 22.86 -16.74
N ASN B 400 -19.22 22.06 -17.09
CA ASN B 400 -19.12 20.59 -17.11
C ASN B 400 -18.26 20.29 -18.31
N MET B 401 -17.08 19.72 -18.09
CA MET B 401 -16.18 19.50 -19.20
C MET B 401 -16.59 18.56 -20.34
N THR B 402 -17.61 17.75 -20.12
CA THR B 402 -18.04 16.86 -21.18
C THR B 402 -19.18 17.46 -22.00
N THR B 403 -20.25 17.84 -21.32
CA THR B 403 -21.35 18.47 -22.03
C THR B 403 -20.96 19.87 -22.49
N GLY B 404 -19.96 20.47 -21.83
CA GLY B 404 -19.52 21.82 -22.17
C GLY B 404 -20.50 22.88 -21.66
N GLU B 405 -21.41 22.42 -20.80
CA GLU B 405 -22.45 23.26 -20.23
C GLU B 405 -21.99 23.96 -18.96
N SER B 406 -22.21 25.26 -18.88
CA SER B 406 -21.82 26.00 -17.67
C SER B 406 -22.99 26.08 -16.71
N GLU B 407 -22.67 26.32 -15.45
CA GLU B 407 -23.67 26.46 -14.41
C GLU B 407 -23.07 27.58 -13.58
N THR B 408 -23.81 28.66 -13.38
CA THR B 408 -23.29 29.80 -12.65
C THR B 408 -23.74 29.72 -11.22
N ILE B 409 -22.78 29.72 -10.29
CA ILE B 409 -23.12 29.69 -8.86
C ILE B 409 -22.31 30.77 -8.13
N GLU B 410 -22.60 30.97 -6.83
CA GLU B 410 -21.87 31.96 -6.06
C GLU B 410 -20.56 31.27 -5.68
N LEU B 411 -19.48 32.04 -5.53
CA LEU B 411 -18.18 31.45 -5.17
C LEU B 411 -18.25 30.66 -3.86
N ASP B 412 -19.02 31.15 -2.93
CA ASP B 412 -19.17 30.45 -1.67
C ASP B 412 -19.65 29.02 -1.89
N ALA B 413 -20.62 28.83 -2.80
CA ALA B 413 -21.18 27.51 -3.04
C ALA B 413 -20.15 26.49 -3.45
N LEU B 414 -19.12 26.92 -4.17
CA LEU B 414 -18.10 26.00 -4.65
C LEU B 414 -17.91 24.68 -3.90
N VAL B 415 -17.51 24.76 -2.63
CA VAL B 415 -17.29 23.59 -1.79
C VAL B 415 -18.60 22.80 -1.61
N GLU B 416 -19.63 23.50 -1.16
CA GLU B 416 -21.01 22.98 -0.88
C GLU B 416 -21.65 22.34 -2.11
N TYR B 417 -21.35 22.95 -3.23
CA TYR B 417 -21.85 22.55 -4.52
C TYR B 417 -21.17 21.30 -5.00
N PHE B 418 -19.87 21.21 -4.73
CA PHE B 418 -19.12 20.02 -5.14
C PHE B 418 -19.34 18.85 -4.19
N LYS B 419 -19.46 19.14 -2.89
CA LYS B 419 -19.71 18.12 -1.86
C LYS B 419 -21.03 17.34 -2.16
#